data_1C4G
#
_entry.id   1C4G
#
_cell.length_a   174.420
_cell.length_b   174.420
_cell.length_c   101.100
_cell.angle_alpha   90.00
_cell.angle_beta   90.00
_cell.angle_gamma   90.00
#
_symmetry.space_group_name_H-M   'P 41 21 2'
#
loop_
_entity.id
_entity.type
_entity.pdbx_description
1 polymer 'PROTEIN (ALPHA-D-GLUCOSE 1-PHOSPHATE PHOSPHOGLUCOMUTASE)'
2 non-polymer 'COBALT (II) ION'
3 non-polymer ALPHA-D-GLUCOSE-1-PHOSPHATE-6-VANADATE
4 water water
#
_entity_poly.entity_id   1
_entity_poly.type   'polypeptide(L)'
_entity_poly.pdbx_seq_one_letter_code
;VKIVTVKTKAYPDQKPGTSGLRKRVKVFQSSTNYAENFIQSIISTVEPAQRQEATLVVGGDGRFYMKEAIQLIVRIAAAN
GIGRLVIGQNGILSTPAVSCIIRKIKAIGGIILTASHNPGGPNGDFGIKFNISNGGPAPEAITDKIFQISKTIEEYAICP
DLKVDLGVLGKQQFDLENKFKPFTVEIVDSVEAYATMLRNIFDFNALKELLSGPNRLKIRIDAMHGVVGPYVKKILCEEL
GAPANSAVNCVPLEDFGGHHPDPNLTYAADLVETMKSGEHDFGAAFDGDGDRNMILGKHGFFVNPSDSVAVIAANIFSIP
YFQQTGVRGFARSMPTSGALDRVANATKIALYETPTGWKFFGNLMDASKLSLCGEESFGTGSDHIREKDGLWAVLAWLSI
LATRKQSVEDILKDHWHKFGRNFFTRYDYEEVEAEGATKMMKDLEALMFDRSFVGKQFSANDKVYTVEKADNFEYHDPVD
GSVSKNQGLRLIFADGSRIIFRLSGTGSAGATIRLYIDSYEKDNAKINQDPQVMLAPLISIALKVSQLQERTGRTAPTVI
T
;
_entity_poly.pdbx_strand_id   A,B
#
loop_
_chem_comp.id
_chem_comp.type
_chem_comp.name
_chem_comp.formula
CO non-polymer 'COBALT (II) ION' 'Co 2'
VG1 D-saccharide ALPHA-D-GLUCOSE-1-PHOSPHATE-6-VANADATE 'C6 H13 O12 P V'
#
# COMPACT_ATOMS: atom_id res chain seq x y z
N VAL A 1 -6.30 0.54 -26.38
CA VAL A 1 -6.70 -0.87 -26.40
C VAL A 1 -7.98 -1.15 -27.23
N LYS A 2 -7.94 -2.25 -28.04
CA LYS A 2 -9.10 -2.60 -28.90
C LYS A 2 -10.25 -3.25 -28.15
N ILE A 3 -11.48 -3.12 -28.71
CA ILE A 3 -12.68 -3.80 -28.15
C ILE A 3 -13.27 -4.76 -29.26
N VAL A 4 -13.51 -6.02 -28.94
CA VAL A 4 -14.04 -6.95 -29.93
C VAL A 4 -15.19 -7.78 -29.40
N THR A 5 -16.30 -7.83 -30.10
CA THR A 5 -17.42 -8.64 -29.58
C THR A 5 -17.30 -10.11 -30.01
N VAL A 6 -16.79 -10.95 -29.11
CA VAL A 6 -16.59 -12.37 -29.42
C VAL A 6 -17.85 -13.23 -29.19
N LYS A 7 -18.42 -13.75 -30.28
CA LYS A 7 -19.57 -14.62 -30.17
C LYS A 7 -19.17 -15.96 -29.51
N THR A 8 -20.02 -16.46 -28.63
CA THR A 8 -19.73 -17.70 -27.92
C THR A 8 -20.97 -18.63 -27.89
N LYS A 9 -20.90 -19.74 -27.19
CA LYS A 9 -22.05 -20.64 -27.11
C LYS A 9 -22.30 -21.04 -25.64
N ALA A 10 -23.53 -20.90 -25.19
CA ALA A 10 -23.89 -21.15 -23.78
C ALA A 10 -23.46 -22.50 -23.13
N TYR A 11 -23.56 -22.57 -21.81
CA TYR A 11 -23.25 -23.81 -21.07
C TYR A 11 -24.45 -24.18 -20.12
N PRO A 12 -24.71 -25.49 -19.82
CA PRO A 12 -25.83 -25.89 -18.94
C PRO A 12 -25.45 -25.89 -17.48
N ASP A 13 -24.33 -26.54 -17.19
CA ASP A 13 -23.83 -26.70 -15.82
C ASP A 13 -23.26 -25.46 -15.13
N GLN A 14 -23.43 -24.25 -15.67
CA GLN A 14 -22.80 -23.03 -15.03
C GLN A 14 -23.67 -22.42 -13.89
N LYS A 15 -24.13 -23.26 -12.96
CA LYS A 15 -25.00 -22.78 -11.85
C LYS A 15 -24.29 -22.75 -10.50
N PRO A 16 -24.39 -21.64 -9.76
CA PRO A 16 -23.77 -21.49 -8.43
C PRO A 16 -24.41 -22.39 -7.33
N GLY A 17 -23.67 -22.76 -6.32
CA GLY A 17 -24.22 -23.61 -5.26
C GLY A 17 -24.62 -22.80 -4.02
N THR A 18 -24.37 -23.36 -2.79
CA THR A 18 -24.70 -22.59 -1.53
C THR A 18 -23.87 -21.30 -1.44
N SER A 19 -22.61 -21.34 -1.96
CA SER A 19 -21.76 -20.15 -2.03
C SER A 19 -20.88 -20.12 -3.31
N GLY A 20 -21.33 -19.43 -4.37
CA GLY A 20 -20.50 -19.32 -5.59
C GLY A 20 -20.49 -20.55 -6.55
N LEU A 21 -19.92 -20.37 -7.74
CA LEU A 21 -19.83 -21.46 -8.73
C LEU A 21 -18.46 -22.22 -8.65
N ARG A 22 -18.46 -23.50 -8.32
CA ARG A 22 -17.18 -24.24 -8.20
C ARG A 22 -17.16 -25.51 -9.06
N LYS A 23 -16.10 -25.70 -9.76
CA LYS A 23 -15.99 -26.83 -10.63
C LYS A 23 -14.52 -27.34 -10.70
N ARG A 24 -14.27 -28.48 -11.26
CA ARG A 24 -12.89 -28.93 -11.40
C ARG A 24 -12.10 -28.01 -12.37
N VAL A 25 -10.84 -27.58 -12.05
CA VAL A 25 -10.04 -26.67 -12.99
C VAL A 25 -10.07 -27.13 -14.46
N LYS A 26 -10.15 -28.46 -14.68
CA LYS A 26 -10.21 -28.98 -16.05
C LYS A 26 -11.45 -28.44 -16.78
N VAL A 27 -12.56 -28.35 -16.08
CA VAL A 27 -13.79 -27.79 -16.67
C VAL A 27 -13.60 -26.32 -17.05
N PHE A 28 -12.54 -25.70 -16.51
CA PHE A 28 -12.24 -24.32 -16.78
C PHE A 28 -11.30 -24.20 -17.90
N GLN A 29 -10.25 -25.05 -17.89
CA GLN A 29 -9.19 -25.06 -18.96
C GLN A 29 -9.66 -25.79 -20.29
N SER A 30 -10.06 -27.07 -20.16
CA SER A 30 -10.50 -27.87 -21.31
C SER A 30 -11.77 -27.33 -22.01
N SER A 31 -12.71 -26.75 -21.25
CA SER A 31 -13.94 -26.24 -21.88
C SER A 31 -13.70 -24.91 -22.63
N THR A 32 -13.94 -24.92 -23.94
CA THR A 32 -13.74 -23.72 -24.79
C THR A 32 -14.49 -22.46 -24.32
N ASN A 33 -13.82 -21.69 -23.51
CA ASN A 33 -14.34 -20.44 -22.90
C ASN A 33 -15.56 -20.54 -21.94
N TYR A 34 -15.31 -21.29 -20.82
CA TYR A 34 -16.31 -21.49 -19.74
C TYR A 34 -16.37 -20.26 -18.80
N ALA A 35 -15.21 -19.80 -18.35
CA ALA A 35 -15.13 -18.62 -17.48
C ALA A 35 -15.58 -17.26 -18.20
N GLU A 36 -15.20 -17.07 -19.46
CA GLU A 36 -15.61 -15.85 -20.16
C GLU A 36 -17.13 -15.64 -20.12
N ASN A 37 -17.93 -16.71 -20.32
CA ASN A 37 -19.41 -16.57 -20.27
C ASN A 37 -19.96 -16.32 -18.83
N PHE A 38 -19.50 -17.11 -17.84
CA PHE A 38 -19.97 -16.91 -16.47
C PHE A 38 -19.64 -15.54 -16.00
N ILE A 39 -18.52 -14.99 -16.48
CA ILE A 39 -18.13 -13.63 -16.11
C ILE A 39 -19.06 -12.61 -16.77
N GLN A 40 -19.30 -12.78 -18.07
CA GLN A 40 -20.22 -11.89 -18.81
C GLN A 40 -21.70 -11.87 -18.22
N SER A 41 -22.22 -13.00 -17.79
CA SER A 41 -23.58 -13.02 -17.18
C SER A 41 -23.61 -12.22 -15.87
N ILE A 42 -22.46 -12.28 -15.11
CA ILE A 42 -22.31 -11.51 -13.84
C ILE A 42 -22.44 -9.96 -14.12
N ILE A 43 -21.55 -9.43 -14.96
CA ILE A 43 -21.59 -8.02 -15.29
C ILE A 43 -22.93 -7.62 -15.92
N SER A 44 -23.61 -8.58 -16.59
CA SER A 44 -24.95 -8.29 -17.21
C SER A 44 -26.05 -7.99 -16.18
N THR A 45 -25.92 -8.44 -14.93
CA THR A 45 -26.97 -8.06 -13.92
C THR A 45 -26.88 -6.56 -13.57
N VAL A 46 -25.73 -5.94 -13.89
CA VAL A 46 -25.55 -4.50 -13.62
C VAL A 46 -25.99 -3.66 -14.87
N GLU A 47 -27.17 -3.02 -14.77
CA GLU A 47 -27.74 -2.24 -15.88
C GLU A 47 -26.74 -1.35 -16.64
N PRO A 48 -26.88 -1.23 -17.98
CA PRO A 48 -26.02 -0.38 -18.83
C PRO A 48 -25.91 1.07 -18.30
N ALA A 49 -27.05 1.72 -17.98
CA ALA A 49 -26.99 3.09 -17.42
C ALA A 49 -26.65 3.09 -15.90
N GLN A 50 -25.50 2.50 -15.58
CA GLN A 50 -25.01 2.36 -14.18
C GLN A 50 -23.55 1.91 -14.16
N ARG A 51 -23.06 1.33 -15.28
CA ARG A 51 -21.67 0.78 -15.33
C ARG A 51 -20.50 1.80 -15.37
N GLN A 52 -20.61 2.91 -16.10
CA GLN A 52 -19.47 3.86 -16.19
C GLN A 52 -18.95 4.40 -14.82
N GLU A 53 -19.86 4.66 -13.85
CA GLU A 53 -19.41 5.16 -12.51
C GLU A 53 -19.37 4.02 -11.44
N ALA A 54 -19.34 2.75 -11.89
CA ALA A 54 -19.33 1.61 -10.96
C ALA A 54 -17.93 1.01 -10.67
N THR A 55 -17.77 0.43 -9.46
CA THR A 55 -16.49 -0.19 -9.04
C THR A 55 -16.65 -1.66 -8.60
N LEU A 56 -15.96 -2.57 -9.25
CA LEU A 56 -16.01 -3.97 -8.87
C LEU A 56 -14.72 -4.42 -8.20
N VAL A 57 -14.81 -4.84 -6.96
CA VAL A 57 -13.60 -5.32 -6.25
C VAL A 57 -13.31 -6.77 -6.67
N VAL A 58 -12.17 -7.05 -7.30
CA VAL A 58 -11.86 -8.43 -7.67
C VAL A 58 -10.79 -8.98 -6.80
N GLY A 59 -11.09 -10.03 -6.09
CA GLY A 59 -10.07 -10.61 -5.18
C GLY A 59 -9.63 -12.03 -5.57
N GLY A 60 -9.03 -12.80 -4.60
CA GLY A 60 -8.56 -14.16 -4.92
C GLY A 60 -7.81 -14.81 -3.80
N ASP A 61 -7.87 -16.14 -3.68
CA ASP A 61 -7.11 -16.83 -2.61
C ASP A 61 -5.72 -17.37 -3.11
N GLY A 62 -5.29 -17.01 -4.33
CA GLY A 62 -3.96 -17.48 -4.81
C GLY A 62 -3.99 -18.84 -5.52
N ARG A 63 -5.13 -19.49 -5.46
CA ARG A 63 -5.37 -20.81 -6.08
C ARG A 63 -4.90 -20.91 -7.57
N PHE A 64 -4.61 -22.17 -8.06
CA PHE A 64 -4.25 -22.36 -9.50
C PHE A 64 -5.35 -21.71 -10.48
N TYR A 65 -4.92 -21.15 -11.65
CA TYR A 65 -5.86 -20.50 -12.65
C TYR A 65 -6.38 -19.10 -12.19
N MET A 66 -6.20 -18.73 -10.85
CA MET A 66 -6.63 -17.37 -10.35
C MET A 66 -6.07 -16.30 -11.19
N LYS A 67 -4.76 -16.39 -11.47
CA LYS A 67 -4.10 -15.39 -12.33
C LYS A 67 -4.76 -15.22 -13.74
N GLU A 68 -5.05 -16.36 -14.44
CA GLU A 68 -5.67 -16.22 -15.76
C GLU A 68 -7.11 -15.66 -15.64
N ALA A 69 -7.93 -16.16 -14.69
CA ALA A 69 -9.30 -15.64 -14.53
C ALA A 69 -9.33 -14.13 -14.20
N ILE A 70 -8.36 -13.63 -13.36
CA ILE A 70 -8.28 -12.18 -13.09
C ILE A 70 -8.05 -11.43 -14.41
N GLN A 71 -7.11 -11.90 -15.22
CA GLN A 71 -6.88 -11.26 -16.53
C GLN A 71 -8.21 -11.17 -17.35
N LEU A 72 -9.04 -12.24 -17.30
CA LEU A 72 -10.34 -12.23 -18.00
C LEU A 72 -11.31 -11.22 -17.41
N ILE A 73 -11.43 -11.13 -16.06
CA ILE A 73 -12.35 -10.17 -15.49
C ILE A 73 -11.99 -8.74 -15.88
N VAL A 74 -10.67 -8.44 -15.95
CA VAL A 74 -10.20 -7.07 -16.40
C VAL A 74 -10.61 -6.79 -17.89
N ARG A 75 -10.27 -7.71 -18.81
CA ARG A 75 -10.58 -7.51 -20.24
C ARG A 75 -12.07 -7.58 -20.56
N ILE A 76 -12.84 -8.42 -19.87
CA ILE A 76 -14.29 -8.49 -20.11
C ILE A 76 -15.02 -7.28 -19.46
N ALA A 77 -14.74 -6.97 -18.17
CA ALA A 77 -15.38 -5.84 -17.51
C ALA A 77 -14.99 -4.53 -18.21
N ALA A 78 -13.73 -4.44 -18.71
CA ALA A 78 -13.29 -3.24 -19.45
C ALA A 78 -14.18 -2.96 -20.66
N ALA A 79 -14.31 -3.96 -21.58
CA ALA A 79 -15.15 -3.78 -22.79
C ALA A 79 -16.66 -3.64 -22.48
N ASN A 80 -17.12 -4.03 -21.32
CA ASN A 80 -18.53 -3.90 -21.03
C ASN A 80 -18.93 -2.53 -20.42
N GLY A 81 -17.96 -1.60 -20.26
CA GLY A 81 -18.30 -0.25 -19.74
C GLY A 81 -18.10 -0.06 -18.20
N ILE A 82 -17.51 -1.02 -17.47
CA ILE A 82 -17.28 -0.81 -16.02
C ILE A 82 -16.16 0.23 -15.82
N GLY A 83 -16.43 1.26 -15.02
CA GLY A 83 -15.46 2.32 -14.85
C GLY A 83 -14.22 1.95 -14.08
N ARG A 84 -14.34 1.26 -12.99
CA ARG A 84 -13.18 1.00 -12.19
C ARG A 84 -13.12 -0.42 -11.64
N LEU A 85 -11.91 -0.97 -11.54
CA LEU A 85 -11.71 -2.27 -10.91
C LEU A 85 -10.74 -2.10 -9.73
N VAL A 86 -11.10 -2.52 -8.50
CA VAL A 86 -10.12 -2.40 -7.40
C VAL A 86 -9.60 -3.77 -6.98
N ILE A 87 -8.56 -4.18 -7.65
CA ILE A 87 -7.94 -5.47 -7.40
C ILE A 87 -6.83 -5.38 -6.35
N GLY A 88 -6.72 -6.35 -5.55
CA GLY A 88 -5.68 -6.35 -4.57
C GLY A 88 -4.33 -6.72 -5.22
N GLN A 89 -3.26 -6.41 -4.53
CA GLN A 89 -1.95 -6.67 -5.07
C GLN A 89 -1.68 -8.16 -5.37
N ASN A 90 -1.33 -8.45 -6.68
CA ASN A 90 -1.08 -9.81 -7.15
C ASN A 90 -2.39 -10.60 -7.27
N GLY A 91 -3.52 -9.94 -7.00
CA GLY A 91 -4.77 -10.61 -7.02
C GLY A 91 -5.11 -11.18 -5.63
N ILE A 92 -4.12 -11.28 -4.71
CA ILE A 92 -4.43 -11.79 -3.38
C ILE A 92 -5.42 -10.84 -2.64
N LEU A 93 -6.55 -11.37 -2.22
CA LEU A 93 -7.53 -10.54 -1.52
C LEU A 93 -8.63 -11.37 -0.86
N SER A 94 -8.49 -11.58 0.47
CA SER A 94 -9.43 -12.40 1.29
C SER A 94 -10.91 -12.16 1.09
N THR A 95 -11.77 -13.20 1.36
CA THR A 95 -13.22 -12.99 1.25
C THR A 95 -13.75 -11.93 2.33
N PRO A 96 -13.31 -11.94 3.62
CA PRO A 96 -13.71 -10.92 4.59
C PRO A 96 -13.04 -9.60 4.17
N ALA A 97 -11.84 -9.63 3.51
CA ALA A 97 -11.25 -8.36 3.00
C ALA A 97 -12.10 -7.80 1.88
N VAL A 98 -12.57 -8.65 0.94
CA VAL A 98 -13.44 -8.18 -0.18
C VAL A 98 -14.78 -7.63 0.36
N SER A 99 -15.33 -8.28 1.39
CA SER A 99 -16.54 -7.81 2.03
C SER A 99 -16.28 -6.46 2.68
N CYS A 100 -15.09 -6.33 3.26
CA CYS A 100 -14.71 -5.11 3.92
C CYS A 100 -14.48 -3.96 2.92
N ILE A 101 -13.82 -4.23 1.76
CA ILE A 101 -13.54 -3.18 0.77
C ILE A 101 -14.80 -2.66 0.16
N ILE A 102 -15.68 -3.59 -0.24
CA ILE A 102 -16.95 -3.26 -0.83
C ILE A 102 -17.72 -2.26 0.01
N ARG A 103 -17.87 -2.55 1.32
CA ARG A 103 -18.58 -1.66 2.23
C ARG A 103 -17.90 -0.34 2.42
N LYS A 104 -16.59 -0.34 2.41
CA LYS A 104 -15.84 0.91 2.55
C LYS A 104 -16.02 1.81 1.32
N ILE A 105 -15.42 1.46 0.18
CA ILE A 105 -15.54 2.34 -1.01
C ILE A 105 -16.89 2.25 -1.80
N LYS A 106 -18.00 1.88 -1.09
CA LYS A 106 -19.35 1.82 -1.71
C LYS A 106 -19.40 1.10 -3.11
N ALA A 107 -18.65 -0.01 -3.27
CA ALA A 107 -18.59 -0.75 -4.60
C ALA A 107 -19.88 -1.52 -4.98
N ILE A 108 -20.36 -1.36 -6.21
CA ILE A 108 -21.59 -2.07 -6.62
C ILE A 108 -21.30 -3.56 -6.90
N GLY A 109 -21.01 -4.34 -5.83
CA GLY A 109 -20.70 -5.77 -6.01
C GLY A 109 -19.18 -6.10 -6.06
N GLY A 110 -18.84 -7.38 -5.98
CA GLY A 110 -17.43 -7.78 -6.02
C GLY A 110 -17.27 -9.25 -6.45
N ILE A 111 -16.22 -9.59 -7.18
CA ILE A 111 -16.05 -10.99 -7.63
C ILE A 111 -14.85 -11.67 -6.92
N ILE A 112 -15.03 -12.84 -6.30
CA ILE A 112 -13.88 -13.50 -5.64
C ILE A 112 -13.46 -14.82 -6.30
N LEU A 113 -12.18 -14.96 -6.64
CA LEU A 113 -11.69 -16.14 -7.25
C LEU A 113 -11.28 -17.14 -6.21
N THR A 114 -12.26 -17.99 -5.75
CA THR A 114 -11.97 -19.01 -4.71
C THR A 114 -13.09 -20.04 -4.57
N ALA A 115 -12.64 -21.28 -4.34
CA ALA A 115 -13.52 -22.44 -4.12
C ALA A 115 -13.46 -22.84 -2.64
N SER A 116 -12.99 -21.89 -1.86
CA SER A 116 -12.96 -21.98 -0.40
C SER A 116 -12.15 -23.19 0.15
N HIS A 117 -12.91 -24.06 0.83
CA HIS A 117 -12.37 -25.26 1.52
C HIS A 117 -12.04 -26.37 0.53
N ASN A 118 -12.46 -26.19 -0.69
CA ASN A 118 -12.17 -27.18 -1.74
C ASN A 118 -10.68 -27.10 -2.06
N PRO A 119 -9.98 -28.23 -2.27
CA PRO A 119 -8.53 -28.24 -2.58
C PRO A 119 -8.18 -27.40 -3.84
N GLY A 120 -6.89 -27.13 -4.10
CA GLY A 120 -6.59 -26.22 -5.22
C GLY A 120 -5.45 -26.56 -6.12
N GLY A 121 -4.87 -27.75 -6.03
CA GLY A 121 -3.75 -28.09 -6.95
C GLY A 121 -4.14 -27.96 -8.47
N PRO A 122 -3.22 -28.10 -9.37
CA PRO A 122 -3.49 -27.99 -10.82
C PRO A 122 -4.52 -29.04 -11.30
N ASN A 123 -4.81 -30.05 -10.43
CA ASN A 123 -5.80 -31.11 -10.73
C ASN A 123 -7.06 -30.99 -9.85
N GLY A 124 -7.03 -30.05 -8.87
CA GLY A 124 -8.15 -29.86 -7.95
C GLY A 124 -9.29 -28.90 -8.44
N ASP A 125 -9.83 -28.13 -7.50
CA ASP A 125 -10.97 -27.25 -7.78
C ASP A 125 -10.70 -25.74 -7.77
N PHE A 126 -11.45 -24.99 -8.66
CA PHE A 126 -11.35 -23.51 -8.76
C PHE A 126 -12.79 -22.91 -8.84
N GLY A 127 -13.08 -21.79 -8.18
CA GLY A 127 -14.47 -21.27 -8.22
C GLY A 127 -14.63 -19.74 -8.24
N ILE A 128 -15.85 -19.25 -8.62
CA ILE A 128 -16.10 -17.80 -8.71
C ILE A 128 -17.24 -17.33 -7.76
N LYS A 129 -16.88 -16.67 -6.64
CA LYS A 129 -17.91 -16.11 -5.71
C LYS A 129 -18.35 -14.71 -6.16
N PHE A 130 -19.62 -14.37 -6.03
CA PHE A 130 -20.06 -13.02 -6.39
C PHE A 130 -20.75 -12.35 -5.22
N ASN A 131 -20.09 -11.38 -4.62
CA ASN A 131 -20.64 -10.65 -3.51
C ASN A 131 -21.42 -9.42 -4.02
N ILE A 132 -22.57 -9.13 -3.44
CA ILE A 132 -23.36 -7.95 -3.89
C ILE A 132 -22.99 -6.64 -3.15
N SER A 133 -23.65 -5.52 -3.51
CA SER A 133 -23.38 -4.19 -2.89
C SER A 133 -23.23 -4.23 -1.36
N ASN A 134 -24.20 -4.84 -0.63
CA ASN A 134 -24.15 -4.88 0.85
C ASN A 134 -22.87 -5.53 1.41
N GLY A 135 -22.07 -6.16 0.55
CA GLY A 135 -20.79 -6.72 1.00
C GLY A 135 -20.73 -8.21 1.05
N GLY A 136 -21.83 -8.87 1.35
CA GLY A 136 -21.81 -10.33 1.46
C GLY A 136 -22.33 -11.06 0.20
N PRO A 137 -22.35 -12.43 0.28
CA PRO A 137 -22.79 -13.37 -0.80
C PRO A 137 -24.08 -12.98 -1.52
N ALA A 138 -24.14 -13.13 -2.83
CA ALA A 138 -25.39 -12.81 -3.51
C ALA A 138 -26.43 -13.84 -3.09
N PRO A 139 -27.58 -13.43 -2.54
CA PRO A 139 -28.64 -14.40 -2.12
C PRO A 139 -29.23 -15.10 -3.38
N GLU A 140 -29.79 -16.36 -3.24
CA GLU A 140 -30.32 -17.12 -4.44
C GLU A 140 -30.86 -16.28 -5.62
N ALA A 141 -31.78 -15.34 -5.41
CA ALA A 141 -32.34 -14.52 -6.51
C ALA A 141 -31.32 -14.04 -7.51
N ILE A 142 -30.23 -13.43 -7.00
CA ILE A 142 -29.18 -12.88 -7.90
C ILE A 142 -28.38 -14.00 -8.57
N THR A 143 -28.08 -15.09 -7.83
CA THR A 143 -27.29 -16.17 -8.40
C THR A 143 -28.00 -16.92 -9.45
N ASP A 144 -29.25 -17.32 -9.20
CA ASP A 144 -30.01 -18.00 -10.25
C ASP A 144 -30.25 -17.09 -11.46
N LYS A 145 -30.37 -15.77 -11.24
CA LYS A 145 -30.49 -14.85 -12.37
C LYS A 145 -29.19 -14.97 -13.25
N ILE A 146 -28.00 -15.08 -12.60
CA ILE A 146 -26.73 -15.28 -13.34
C ILE A 146 -26.83 -16.59 -14.13
N PHE A 147 -27.40 -17.61 -13.48
CA PHE A 147 -27.68 -18.88 -14.14
C PHE A 147 -28.64 -18.64 -15.34
N GLN A 148 -29.75 -17.91 -15.12
CA GLN A 148 -30.72 -17.66 -16.19
C GLN A 148 -30.11 -16.94 -17.37
N ILE A 149 -29.04 -16.16 -17.15
CA ILE A 149 -28.37 -15.51 -18.29
C ILE A 149 -27.33 -16.45 -18.91
N SER A 150 -26.76 -17.37 -18.12
CA SER A 150 -25.77 -18.33 -18.67
C SER A 150 -26.34 -19.24 -19.71
N LYS A 151 -27.67 -19.53 -19.65
CA LYS A 151 -28.33 -20.42 -20.64
C LYS A 151 -28.64 -19.73 -22.00
N THR A 152 -29.09 -18.47 -21.96
CA THR A 152 -29.41 -17.75 -23.21
C THR A 152 -28.33 -16.76 -23.64
N ILE A 153 -27.06 -17.02 -23.33
CA ILE A 153 -26.01 -16.10 -23.76
C ILE A 153 -25.58 -16.41 -25.22
N GLU A 154 -25.48 -15.37 -26.08
CA GLU A 154 -25.05 -15.57 -27.48
C GLU A 154 -23.63 -15.00 -27.77
N GLU A 155 -23.27 -13.86 -27.12
CA GLU A 155 -21.91 -13.27 -27.31
C GLU A 155 -21.40 -12.59 -26.06
N TYR A 156 -20.09 -12.20 -26.07
CA TYR A 156 -19.48 -11.47 -24.92
C TYR A 156 -18.45 -10.37 -25.40
N ALA A 157 -18.57 -9.14 -24.87
CA ALA A 157 -17.64 -8.05 -25.25
C ALA A 157 -16.26 -8.17 -24.53
N ILE A 158 -15.15 -8.15 -25.29
CA ILE A 158 -13.83 -8.29 -24.63
C ILE A 158 -12.70 -7.44 -25.26
N CYS A 159 -11.71 -7.01 -24.43
CA CYS A 159 -10.51 -6.30 -24.92
C CYS A 159 -9.36 -7.26 -24.87
N PRO A 160 -9.10 -8.03 -25.92
CA PRO A 160 -8.04 -9.07 -25.93
C PRO A 160 -6.62 -8.55 -25.67
N ASP A 161 -6.33 -7.31 -26.05
CA ASP A 161 -5.00 -6.77 -25.82
C ASP A 161 -4.92 -5.83 -24.58
N LEU A 162 -5.49 -6.24 -23.43
CA LEU A 162 -5.38 -5.44 -22.20
C LEU A 162 -4.66 -6.25 -21.10
N LYS A 163 -3.35 -6.13 -21.07
CA LYS A 163 -2.51 -6.87 -20.12
C LYS A 163 -2.15 -5.96 -18.92
N VAL A 164 -2.50 -6.35 -17.68
CA VAL A 164 -2.21 -5.47 -16.53
C VAL A 164 -1.25 -6.06 -15.51
N ASP A 165 -0.30 -5.24 -15.01
CA ASP A 165 0.61 -5.72 -14.00
C ASP A 165 -0.04 -5.67 -12.62
N LEU A 166 -0.60 -6.77 -12.20
CA LEU A 166 -1.27 -6.83 -10.90
C LEU A 166 -0.30 -6.74 -9.72
N GLY A 167 1.00 -6.90 -9.96
CA GLY A 167 1.96 -6.86 -8.85
C GLY A 167 2.22 -5.45 -8.35
N VAL A 168 2.22 -4.46 -9.28
CA VAL A 168 2.51 -3.09 -8.88
C VAL A 168 1.34 -2.29 -8.28
N LEU A 169 1.55 -1.79 -7.05
CA LEU A 169 0.55 -0.95 -6.39
C LEU A 169 0.40 0.39 -7.13
N GLY A 170 -0.83 0.87 -7.30
CA GLY A 170 -1.03 2.14 -7.95
C GLY A 170 -2.24 2.18 -8.83
N LYS A 171 -2.57 3.36 -9.28
CA LYS A 171 -3.69 3.52 -10.18
C LYS A 171 -3.18 3.51 -11.62
N GLN A 172 -3.94 2.87 -12.53
CA GLN A 172 -3.56 2.93 -13.96
C GLN A 172 -4.77 3.17 -14.87
N GLN A 173 -4.59 3.98 -15.90
CA GLN A 173 -5.68 4.27 -16.80
C GLN A 173 -5.54 3.54 -18.11
N PHE A 174 -6.65 3.19 -18.70
CA PHE A 174 -6.61 2.56 -19.99
C PHE A 174 -7.66 3.21 -20.87
N ASP A 175 -7.28 3.63 -22.06
CA ASP A 175 -8.23 4.24 -22.95
C ASP A 175 -8.65 3.26 -24.03
N LEU A 176 -9.98 3.05 -24.15
CA LEU A 176 -10.52 2.12 -25.16
C LEU A 176 -11.40 2.82 -26.17
N GLU A 177 -11.35 2.31 -27.44
CA GLU A 177 -12.12 2.88 -28.58
C GLU A 177 -13.51 3.48 -28.28
N ASN A 178 -13.59 4.79 -28.49
CA ASN A 178 -14.81 5.58 -28.29
C ASN A 178 -15.60 5.36 -26.98
N LYS A 179 -15.03 5.87 -25.91
CA LYS A 179 -15.69 5.88 -24.61
C LYS A 179 -15.03 6.99 -23.76
N PHE A 180 -15.59 8.24 -23.90
CA PHE A 180 -15.09 9.48 -23.22
C PHE A 180 -14.39 9.27 -21.87
N LYS A 181 -15.00 8.52 -20.96
CA LYS A 181 -14.37 8.29 -19.65
C LYS A 181 -13.51 7.00 -19.65
N PRO A 182 -12.21 7.11 -19.32
CA PRO A 182 -11.21 5.96 -19.31
C PRO A 182 -11.42 4.82 -18.27
N PHE A 183 -11.09 3.59 -18.68
CA PHE A 183 -11.20 2.42 -17.78
C PHE A 183 -10.09 2.44 -16.74
N THR A 184 -10.43 2.48 -15.50
CA THR A 184 -9.39 2.55 -14.45
C THR A 184 -9.21 1.25 -13.69
N VAL A 185 -7.94 0.90 -13.41
CA VAL A 185 -7.60 -0.26 -12.57
C VAL A 185 -6.81 0.21 -11.37
N GLU A 186 -7.37 0.10 -10.20
CA GLU A 186 -6.71 0.58 -9.01
C GLU A 186 -6.19 -0.58 -8.13
N ILE A 187 -4.90 -0.86 -8.16
CA ILE A 187 -4.39 -1.95 -7.36
C ILE A 187 -4.01 -1.51 -5.91
N VAL A 188 -4.78 -2.04 -5.02
CA VAL A 188 -4.72 -1.73 -3.61
C VAL A 188 -3.83 -2.75 -2.78
N ASP A 189 -3.23 -2.37 -1.64
CA ASP A 189 -2.49 -3.41 -0.84
C ASP A 189 -3.55 -4.46 -0.34
N SER A 190 -3.17 -5.74 -0.24
CA SER A 190 -4.11 -6.79 0.20
C SER A 190 -4.60 -6.66 1.66
N VAL A 191 -3.68 -6.47 2.57
CA VAL A 191 -4.00 -6.40 4.00
C VAL A 191 -4.52 -5.05 4.53
N GLU A 192 -3.95 -3.92 4.01
CA GLU A 192 -4.24 -2.54 4.54
C GLU A 192 -5.66 -2.20 5.08
N ALA A 193 -6.65 -1.99 4.18
CA ALA A 193 -8.02 -1.65 4.63
C ALA A 193 -8.56 -2.67 5.64
N TYR A 194 -8.33 -3.96 5.38
CA TYR A 194 -8.80 -4.97 6.29
C TYR A 194 -8.17 -4.78 7.71
N ALA A 195 -6.85 -4.51 7.80
CA ALA A 195 -6.23 -4.28 9.13
C ALA A 195 -6.73 -3.00 9.76
N THR A 196 -6.89 -1.95 8.98
CA THR A 196 -7.45 -0.70 9.52
C THR A 196 -8.85 -0.97 10.07
N MET A 197 -9.62 -1.90 9.46
CA MET A 197 -10.98 -2.25 10.00
C MET A 197 -10.87 -2.97 11.34
N LEU A 198 -9.98 -4.00 11.44
CA LEU A 198 -9.84 -4.76 12.71
C LEU A 198 -9.30 -3.92 13.79
N ARG A 199 -8.51 -2.88 13.39
CA ARG A 199 -7.91 -1.89 14.34
C ARG A 199 -8.96 -1.19 15.21
N ASN A 200 -10.08 -0.75 14.62
CA ASN A 200 -11.16 -0.09 15.42
C ASN A 200 -12.13 -1.07 16.05
N ILE A 201 -11.89 -2.41 15.86
CA ILE A 201 -12.77 -3.44 16.47
C ILE A 201 -12.18 -4.04 17.76
N PHE A 202 -10.91 -4.31 17.80
CA PHE A 202 -10.33 -4.85 19.03
C PHE A 202 -9.39 -3.86 19.69
N ASP A 203 -9.04 -4.07 20.93
CA ASP A 203 -8.08 -3.20 21.54
C ASP A 203 -6.68 -3.65 21.12
N PHE A 204 -6.10 -3.07 20.03
CA PHE A 204 -4.80 -3.53 19.56
C PHE A 204 -3.63 -3.40 20.56
N ASN A 205 -3.76 -2.58 21.58
CA ASN A 205 -2.73 -2.50 22.59
C ASN A 205 -2.87 -3.63 23.57
N ALA A 206 -4.12 -3.91 24.05
CA ALA A 206 -4.36 -5.01 25.01
C ALA A 206 -3.88 -6.39 24.44
N LEU A 207 -3.99 -6.53 23.10
CA LEU A 207 -3.53 -7.76 22.42
C LEU A 207 -2.08 -7.80 22.32
N LYS A 208 -1.47 -6.62 21.96
CA LYS A 208 -0.01 -6.46 21.84
C LYS A 208 0.68 -6.89 23.15
N GLU A 209 0.08 -6.49 24.27
CA GLU A 209 0.55 -6.86 25.58
C GLU A 209 0.47 -8.39 25.81
N LEU A 210 -0.67 -9.03 25.41
CA LEU A 210 -0.88 -10.51 25.58
C LEU A 210 0.10 -11.42 24.75
N LEU A 211 0.44 -11.01 23.51
CA LEU A 211 1.31 -11.85 22.63
C LEU A 211 2.79 -11.62 22.79
N SER A 212 3.21 -10.46 23.30
CA SER A 212 4.67 -10.16 23.41
C SER A 212 5.01 -9.38 24.66
N GLY A 213 4.22 -9.54 25.73
CA GLY A 213 4.47 -8.80 26.94
C GLY A 213 4.95 -9.64 28.14
N PRO A 214 4.37 -9.36 29.35
CA PRO A 214 4.78 -9.92 30.71
C PRO A 214 5.09 -11.44 30.83
N ASN A 215 4.69 -12.23 29.86
CA ASN A 215 4.89 -13.69 29.93
C ASN A 215 4.90 -14.33 28.52
N ARG A 216 4.08 -13.72 27.60
CA ARG A 216 3.95 -14.16 26.20
C ARG A 216 3.07 -15.37 26.04
N LEU A 217 1.87 -15.18 25.52
CA LEU A 217 1.03 -16.32 25.25
C LEU A 217 1.58 -17.06 23.99
N LYS A 218 2.14 -18.26 24.14
CA LYS A 218 2.70 -18.91 23.00
C LYS A 218 1.60 -19.41 22.08
N ILE A 219 1.37 -18.71 20.98
CA ILE A 219 0.34 -19.14 20.06
C ILE A 219 0.97 -19.87 18.81
N ARG A 220 0.25 -20.81 18.21
CA ARG A 220 0.75 -21.50 16.97
C ARG A 220 -0.30 -21.31 15.95
N ILE A 221 0.00 -20.62 14.87
CA ILE A 221 -1.01 -20.36 13.86
C ILE A 221 -0.69 -21.02 12.51
N ASP A 222 -1.58 -21.89 12.01
CA ASP A 222 -1.39 -22.52 10.70
C ASP A 222 -2.28 -21.82 9.62
N ALA A 223 -1.71 -21.05 8.72
CA ALA A 223 -2.53 -20.42 7.68
C ALA A 223 -2.91 -21.41 6.54
N MET A 224 -2.36 -22.65 6.62
CA MET A 224 -2.57 -23.71 5.59
C MET A 224 -2.36 -23.28 4.15
N HIS A 225 -1.20 -22.67 3.89
CA HIS A 225 -0.80 -22.22 2.53
C HIS A 225 -1.83 -21.41 1.76
N GLY A 226 -2.81 -20.83 2.48
CA GLY A 226 -3.88 -20.07 1.85
C GLY A 226 -3.74 -18.58 2.01
N VAL A 227 -4.72 -17.84 1.45
CA VAL A 227 -4.67 -16.36 1.46
C VAL A 227 -4.47 -15.68 2.83
N VAL A 228 -4.81 -16.31 3.95
CA VAL A 228 -4.67 -15.60 5.23
C VAL A 228 -3.21 -15.49 5.71
N GLY A 229 -2.26 -16.08 5.01
CA GLY A 229 -0.83 -16.04 5.45
C GLY A 229 -0.26 -14.62 5.56
N PRO A 230 -0.23 -13.83 4.46
CA PRO A 230 0.23 -12.46 4.50
C PRO A 230 -0.44 -11.71 5.67
N TYR A 231 -1.73 -12.02 5.90
CA TYR A 231 -2.53 -11.38 6.98
C TYR A 231 -2.03 -11.72 8.39
N VAL A 232 -1.76 -13.02 8.70
CA VAL A 232 -1.20 -13.40 9.99
C VAL A 232 0.16 -12.75 10.15
N LYS A 233 0.94 -12.70 9.03
CA LYS A 233 2.30 -12.09 9.09
C LYS A 233 2.26 -10.59 9.32
N LYS A 234 1.52 -9.84 8.53
CA LYS A 234 1.45 -8.41 8.74
C LYS A 234 0.60 -8.01 9.95
N ILE A 235 -0.47 -8.78 10.28
CA ILE A 235 -1.31 -8.41 11.41
C ILE A 235 -0.89 -8.99 12.75
N LEU A 236 -0.87 -10.28 12.91
CA LEU A 236 -0.48 -10.85 14.21
C LEU A 236 1.04 -10.74 14.54
N CYS A 237 1.91 -10.91 13.52
CA CYS A 237 3.38 -10.79 13.75
C CYS A 237 3.88 -9.36 13.62
N GLU A 238 4.01 -8.83 12.44
CA GLU A 238 4.51 -7.47 12.27
C GLU A 238 3.81 -6.37 13.13
N GLU A 239 2.49 -6.45 13.36
CA GLU A 239 1.78 -5.40 14.15
C GLU A 239 1.66 -5.68 15.61
N LEU A 240 0.98 -6.75 15.95
CA LEU A 240 0.76 -7.11 17.35
C LEU A 240 2.01 -7.75 18.05
N GLY A 241 3.03 -8.08 17.30
CA GLY A 241 4.26 -8.54 17.94
C GLY A 241 4.45 -10.02 18.12
N ALA A 242 3.60 -10.87 17.62
CA ALA A 242 3.86 -12.30 17.81
C ALA A 242 5.15 -12.75 17.10
N PRO A 243 6.04 -13.52 17.76
CA PRO A 243 7.27 -14.05 17.17
C PRO A 243 7.05 -14.69 15.84
N ALA A 244 8.00 -14.52 14.94
CA ALA A 244 7.91 -15.13 13.63
C ALA A 244 7.59 -16.67 13.71
N ASN A 245 8.19 -17.43 14.72
CA ASN A 245 7.93 -18.93 14.87
C ASN A 245 6.45 -19.29 14.99
N SER A 246 5.58 -18.31 15.25
CA SER A 246 4.17 -18.57 15.39
C SER A 246 3.46 -18.71 14.06
N ALA A 247 3.91 -17.92 13.06
CA ALA A 247 3.25 -17.94 11.75
C ALA A 247 3.71 -19.07 10.86
N VAL A 248 3.11 -20.28 11.01
CA VAL A 248 3.52 -21.40 10.13
C VAL A 248 2.65 -21.59 8.89
N ASN A 249 3.24 -22.07 7.83
CA ASN A 249 2.50 -22.24 6.52
C ASN A 249 1.80 -21.00 6.03
N CYS A 250 2.46 -19.85 6.12
CA CYS A 250 1.83 -18.58 5.74
C CYS A 250 2.17 -18.02 4.30
N VAL A 251 2.77 -18.81 3.43
CA VAL A 251 3.03 -18.33 2.06
C VAL A 251 2.01 -18.97 1.09
N PRO A 252 1.13 -18.17 0.48
CA PRO A 252 0.10 -18.66 -0.47
C PRO A 252 0.67 -19.43 -1.65
N LEU A 253 0.47 -20.75 -1.65
CA LEU A 253 0.91 -21.57 -2.79
C LEU A 253 -0.30 -21.99 -3.65
N GLU A 254 -0.17 -21.95 -4.98
CA GLU A 254 -1.32 -22.35 -5.88
C GLU A 254 -1.88 -23.73 -5.53
N ASP A 255 -0.96 -24.66 -5.28
CA ASP A 255 -1.27 -26.05 -4.96
C ASP A 255 -1.71 -26.25 -3.51
N PHE A 256 -1.48 -25.23 -2.65
CA PHE A 256 -1.68 -25.33 -1.16
C PHE A 256 -0.76 -26.41 -0.56
N GLY A 257 0.37 -26.69 -1.27
CA GLY A 257 1.30 -27.72 -0.84
C GLY A 257 0.81 -29.11 -1.19
N GLY A 258 -0.49 -29.29 -1.29
CA GLY A 258 -1.05 -30.59 -1.59
C GLY A 258 -2.22 -30.89 -0.68
N HIS A 259 -2.09 -30.52 0.60
CA HIS A 259 -3.17 -30.78 1.57
C HIS A 259 -4.51 -30.05 1.20
N HIS A 260 -5.63 -30.39 1.87
CA HIS A 260 -6.91 -29.67 1.60
C HIS A 260 -7.07 -28.51 2.61
N PRO A 261 -7.35 -27.26 2.15
CA PRO A 261 -7.50 -26.06 3.04
C PRO A 261 -8.61 -26.15 4.13
N ASP A 262 -9.60 -27.09 4.02
CA ASP A 262 -10.63 -27.24 5.08
C ASP A 262 -9.93 -27.63 6.42
N PRO A 263 -9.92 -26.73 7.44
CA PRO A 263 -9.28 -26.99 8.73
C PRO A 263 -10.17 -27.79 9.69
N ASN A 264 -9.77 -28.97 10.06
CA ASN A 264 -10.56 -29.76 10.98
C ASN A 264 -9.76 -30.95 11.51
N LEU A 265 -10.34 -31.77 12.42
CA LEU A 265 -9.55 -32.86 13.04
C LEU A 265 -8.94 -33.84 12.07
N THR A 266 -9.58 -34.11 10.90
CA THR A 266 -8.93 -35.03 9.93
C THR A 266 -8.04 -34.28 8.98
N TYR A 267 -8.66 -33.41 8.12
CA TYR A 267 -7.92 -32.61 7.08
C TYR A 267 -6.81 -31.66 7.63
N ALA A 268 -6.70 -31.51 8.96
CA ALA A 268 -5.65 -30.68 9.54
C ALA A 268 -4.93 -31.42 10.64
N ALA A 269 -4.16 -32.44 10.26
CA ALA A 269 -3.41 -33.24 11.25
C ALA A 269 -2.16 -32.56 11.86
N ASP A 270 -1.30 -31.99 10.99
CA ASP A 270 -0.03 -31.34 11.44
C ASP A 270 -0.13 -30.53 12.75
N LEU A 271 -0.93 -29.49 12.76
CA LEU A 271 -1.02 -28.63 13.90
C LEU A 271 -1.55 -29.27 15.15
N VAL A 272 -2.43 -30.28 15.06
CA VAL A 272 -2.94 -30.87 16.31
C VAL A 272 -1.85 -31.69 17.00
N GLU A 273 -1.06 -32.46 16.24
CA GLU A 273 0.02 -33.21 16.87
C GLU A 273 1.00 -32.25 17.55
N THR A 274 1.45 -31.19 16.84
CA THR A 274 2.38 -30.22 17.48
C THR A 274 1.69 -29.50 18.64
N MET A 275 0.33 -29.43 18.65
CA MET A 275 -0.36 -28.78 19.80
C MET A 275 -0.43 -29.74 20.98
N LYS A 276 -0.22 -31.01 20.73
CA LYS A 276 -0.20 -31.99 21.80
C LYS A 276 1.09 -31.86 22.64
N SER A 277 2.12 -31.12 22.13
CA SER A 277 3.41 -30.95 22.89
C SER A 277 3.21 -30.31 24.24
N GLY A 278 2.17 -29.47 24.39
CA GLY A 278 1.93 -28.81 25.66
C GLY A 278 2.62 -27.42 25.79
N GLU A 279 3.58 -27.07 24.93
CA GLU A 279 4.26 -25.76 25.07
C GLU A 279 3.48 -24.59 24.49
N HIS A 280 2.36 -24.89 23.79
CA HIS A 280 1.55 -23.82 23.25
C HIS A 280 0.24 -23.62 24.02
N ASP A 281 -0.06 -22.39 24.40
CA ASP A 281 -1.32 -22.13 25.15
C ASP A 281 -2.57 -22.13 24.22
N PHE A 282 -2.41 -21.57 23.02
CA PHE A 282 -3.49 -21.44 22.06
C PHE A 282 -2.94 -21.76 20.69
N GLY A 283 -3.82 -22.28 19.80
CA GLY A 283 -3.42 -22.62 18.42
C GLY A 283 -4.58 -22.40 17.43
N ALA A 284 -4.30 -21.97 16.20
CA ALA A 284 -5.39 -21.78 15.24
C ALA A 284 -4.99 -21.98 13.80
N ALA A 285 -5.86 -22.71 13.03
CA ALA A 285 -5.63 -22.94 11.57
C ALA A 285 -6.72 -22.22 10.78
N PHE A 286 -6.51 -21.95 9.49
CA PHE A 286 -7.54 -21.22 8.73
C PHE A 286 -7.93 -21.91 7.43
N ASP A 287 -9.01 -21.45 6.86
CA ASP A 287 -9.49 -21.97 5.59
C ASP A 287 -8.63 -21.53 4.33
N GLY A 288 -9.13 -21.77 3.08
CA GLY A 288 -8.35 -21.33 1.88
C GLY A 288 -8.52 -19.84 1.60
N ASP A 289 -9.77 -19.36 1.64
CA ASP A 289 -10.03 -17.96 1.41
C ASP A 289 -10.09 -17.15 2.73
N GLY A 290 -9.67 -17.77 3.84
CA GLY A 290 -9.53 -17.07 5.12
C GLY A 290 -10.80 -16.66 5.81
N ASP A 291 -11.97 -17.09 5.36
CA ASP A 291 -13.15 -16.70 6.11
C ASP A 291 -13.60 -17.78 7.24
N ARG A 292 -12.89 -18.91 7.33
CA ARG A 292 -13.17 -19.91 8.38
C ARG A 292 -11.98 -20.03 9.37
N ASN A 293 -12.24 -20.38 10.61
CA ASN A 293 -11.18 -20.50 11.59
C ASN A 293 -11.35 -21.78 12.47
N MET A 294 -10.24 -22.41 12.91
CA MET A 294 -10.37 -23.54 13.87
C MET A 294 -9.53 -23.25 15.17
N ILE A 295 -10.19 -23.22 16.24
CA ILE A 295 -9.63 -22.92 17.53
C ILE A 295 -9.13 -24.13 18.29
N LEU A 296 -7.86 -24.13 18.71
CA LEU A 296 -7.33 -25.25 19.51
C LEU A 296 -6.78 -24.77 20.87
N GLY A 297 -6.73 -25.64 21.86
CA GLY A 297 -6.23 -25.24 23.15
C GLY A 297 -4.93 -25.95 23.53
N LYS A 298 -4.42 -25.69 24.74
CA LYS A 298 -3.19 -26.34 25.22
C LYS A 298 -3.27 -27.90 25.18
N HIS A 299 -2.18 -28.59 24.86
CA HIS A 299 -2.20 -30.08 24.79
C HIS A 299 -3.15 -30.62 23.72
N GLY A 300 -3.42 -29.88 22.66
CA GLY A 300 -4.28 -30.43 21.61
C GLY A 300 -5.78 -30.33 21.89
N PHE A 301 -6.18 -29.53 22.92
CA PHE A 301 -7.65 -29.34 23.25
C PHE A 301 -8.46 -28.76 22.00
N PHE A 302 -9.75 -29.00 21.90
CA PHE A 302 -10.48 -28.58 20.71
C PHE A 302 -11.76 -27.89 21.04
N VAL A 303 -12.00 -26.74 20.45
CA VAL A 303 -13.23 -26.04 20.73
C VAL A 303 -14.16 -26.22 19.58
N ASN A 304 -15.28 -26.90 19.76
CA ASN A 304 -16.21 -27.08 18.60
C ASN A 304 -16.70 -25.72 18.09
N PRO A 305 -16.62 -25.46 16.82
CA PRO A 305 -17.09 -24.20 16.25
C PRO A 305 -18.52 -23.87 16.67
N SER A 306 -19.28 -24.86 17.12
CA SER A 306 -20.62 -24.55 17.59
C SER A 306 -20.59 -24.00 19.04
N ASP A 307 -19.57 -24.45 19.81
CA ASP A 307 -19.33 -23.95 21.17
C ASP A 307 -18.58 -22.55 21.09
N SER A 308 -17.67 -22.39 20.12
CA SER A 308 -16.88 -21.15 19.97
C SER A 308 -17.77 -19.91 19.90
N VAL A 309 -18.88 -19.94 19.11
CA VAL A 309 -19.80 -18.78 19.09
C VAL A 309 -20.47 -18.63 20.44
N ALA A 310 -20.73 -19.75 21.15
CA ALA A 310 -21.36 -19.64 22.50
C ALA A 310 -20.46 -18.91 23.51
N VAL A 311 -19.14 -19.23 23.53
CA VAL A 311 -18.21 -18.50 24.42
C VAL A 311 -18.13 -17.01 23.96
N ILE A 312 -17.95 -16.74 22.65
CA ILE A 312 -17.91 -15.36 22.15
C ILE A 312 -19.31 -14.81 22.07
N ALA A 313 -19.98 -14.83 23.18
CA ALA A 313 -21.34 -14.33 23.25
C ALA A 313 -21.61 -14.14 24.71
N ALA A 314 -21.21 -15.15 25.54
CA ALA A 314 -21.32 -14.99 26.98
C ALA A 314 -20.24 -14.00 27.45
N ASN A 315 -19.14 -13.90 26.69
CA ASN A 315 -18.07 -12.96 26.99
C ASN A 315 -17.93 -11.85 25.85
N ILE A 316 -19.02 -11.63 25.10
CA ILE A 316 -19.05 -10.72 23.97
C ILE A 316 -18.62 -9.30 24.27
N PHE A 317 -18.82 -8.82 25.49
CA PHE A 317 -18.45 -7.43 25.83
C PHE A 317 -16.96 -7.19 26.09
N SER A 318 -16.14 -8.27 25.87
CA SER A 318 -14.68 -8.15 25.95
C SER A 318 -14.16 -7.57 24.64
N ILE A 319 -15.04 -7.46 23.66
CA ILE A 319 -14.67 -6.86 22.40
C ILE A 319 -15.31 -5.45 22.25
N PRO A 320 -14.47 -4.36 22.22
CA PRO A 320 -14.96 -2.97 22.06
C PRO A 320 -16.01 -2.82 21.01
N TYR A 321 -15.87 -3.46 19.84
CA TYR A 321 -16.91 -3.33 18.78
C TYR A 321 -18.35 -3.54 19.31
N PHE A 322 -18.52 -4.48 20.21
CA PHE A 322 -19.84 -4.80 20.77
C PHE A 322 -20.27 -3.87 21.89
N GLN A 323 -19.30 -3.31 22.68
CA GLN A 323 -19.65 -2.30 23.72
C GLN A 323 -20.16 -1.02 23.08
N GLN A 324 -19.77 -0.72 21.86
CA GLN A 324 -20.28 0.50 21.18
C GLN A 324 -21.60 0.29 20.32
N THR A 325 -21.69 -0.86 19.63
CA THR A 325 -22.88 -1.15 18.75
C THR A 325 -24.04 -1.83 19.47
N GLY A 326 -23.71 -2.73 20.42
CA GLY A 326 -24.74 -3.48 21.17
C GLY A 326 -24.99 -4.87 20.57
N VAL A 327 -25.51 -5.81 21.33
CA VAL A 327 -25.82 -7.15 20.75
C VAL A 327 -27.26 -7.20 20.21
N ARG A 328 -27.50 -6.71 18.98
CA ARG A 328 -28.89 -6.68 18.42
C ARG A 328 -29.51 -8.09 18.18
N GLY A 329 -28.72 -9.12 18.11
CA GLY A 329 -29.28 -10.43 17.88
C GLY A 329 -28.23 -11.50 17.66
N PHE A 330 -28.57 -12.72 18.05
CA PHE A 330 -27.68 -13.86 17.83
C PHE A 330 -28.25 -14.79 16.75
N ALA A 331 -27.40 -15.56 16.08
CA ALA A 331 -27.89 -16.52 15.10
C ALA A 331 -26.98 -17.71 14.87
N ARG A 332 -27.55 -18.78 14.38
CA ARG A 332 -26.78 -19.98 14.05
C ARG A 332 -27.48 -20.77 12.96
N SER A 333 -26.74 -21.59 12.24
CA SER A 333 -27.38 -22.42 11.21
C SER A 333 -28.08 -23.60 11.88
N MET A 334 -29.15 -24.07 11.32
CA MET A 334 -29.87 -25.20 11.94
C MET A 334 -28.95 -26.39 12.39
N PRO A 335 -27.95 -26.85 11.54
CA PRO A 335 -27.03 -27.95 11.88
C PRO A 335 -26.08 -27.64 13.02
N THR A 336 -25.74 -26.36 13.27
CA THR A 336 -24.86 -25.99 14.42
C THR A 336 -25.53 -26.27 15.75
N SER A 337 -24.78 -26.74 16.75
CA SER A 337 -25.37 -27.11 18.03
C SER A 337 -26.21 -26.06 18.75
N GLY A 338 -26.87 -26.46 19.84
CA GLY A 338 -27.73 -25.53 20.58
C GLY A 338 -27.02 -24.76 21.70
N ALA A 339 -25.68 -24.63 21.64
CA ALA A 339 -24.94 -23.90 22.70
C ALA A 339 -25.20 -22.39 22.66
N LEU A 340 -25.23 -21.82 21.49
CA LEU A 340 -25.53 -20.40 21.39
C LEU A 340 -26.87 -20.11 21.99
N ASP A 341 -27.79 -21.03 21.76
CA ASP A 341 -29.16 -20.91 22.24
C ASP A 341 -29.22 -20.81 23.75
N ARG A 342 -28.50 -21.63 24.45
CA ARG A 342 -28.50 -21.58 25.92
C ARG A 342 -28.08 -20.14 26.47
N VAL A 343 -27.06 -19.50 25.77
CA VAL A 343 -26.60 -18.13 26.13
C VAL A 343 -27.67 -17.09 25.71
N ALA A 344 -28.22 -17.25 24.53
CA ALA A 344 -29.27 -16.35 24.07
C ALA A 344 -30.54 -16.47 24.97
N ASN A 345 -30.83 -17.70 25.44
CA ASN A 345 -31.99 -17.98 26.31
C ASN A 345 -31.83 -17.33 27.71
N ALA A 346 -30.59 -17.17 28.18
CA ALA A 346 -30.40 -16.53 29.50
C ALA A 346 -30.35 -14.97 29.44
N THR A 347 -30.44 -14.37 28.26
CA THR A 347 -30.41 -12.88 28.17
C THR A 347 -31.58 -12.34 27.31
N LYS A 348 -31.89 -11.05 27.40
CA LYS A 348 -33.01 -10.46 26.56
C LYS A 348 -32.71 -10.42 24.95
N ILE A 349 -31.72 -11.21 24.45
CA ILE A 349 -31.36 -11.13 23.02
C ILE A 349 -32.05 -12.18 22.16
N ALA A 350 -32.58 -11.78 20.99
CA ALA A 350 -33.25 -12.73 20.10
C ALA A 350 -32.31 -13.73 19.43
N LEU A 351 -32.81 -14.88 19.11
CA LEU A 351 -32.00 -15.89 18.48
C LEU A 351 -32.67 -16.41 17.21
N TYR A 352 -31.88 -16.68 16.20
CA TYR A 352 -32.41 -17.08 14.92
C TYR A 352 -31.77 -18.37 14.35
N GLU A 353 -32.61 -19.33 13.89
CA GLU A 353 -32.07 -20.58 13.28
C GLU A 353 -32.20 -20.51 11.76
N THR A 354 -31.07 -20.32 11.08
CA THR A 354 -31.04 -20.18 9.59
C THR A 354 -30.58 -21.44 8.79
N PRO A 355 -30.86 -21.58 7.44
CA PRO A 355 -30.38 -22.73 6.62
C PRO A 355 -28.88 -22.63 6.48
N THR A 356 -28.19 -23.75 6.32
CA THR A 356 -26.71 -23.68 6.19
C THR A 356 -26.31 -22.85 4.93
N GLY A 357 -25.56 -21.77 5.20
CA GLY A 357 -25.07 -20.81 4.17
C GLY A 357 -25.04 -19.37 4.74
N TRP A 358 -23.95 -18.65 4.45
CA TRP A 358 -23.77 -17.26 4.93
C TRP A 358 -24.59 -16.28 4.15
N LYS A 359 -25.20 -16.72 3.05
CA LYS A 359 -25.98 -15.82 2.21
C LYS A 359 -27.28 -15.27 2.89
N PHE A 360 -27.87 -16.02 3.81
CA PHE A 360 -29.08 -15.53 4.41
C PHE A 360 -28.94 -14.92 5.78
N PHE A 361 -27.68 -14.86 6.30
CA PHE A 361 -27.41 -14.17 7.58
C PHE A 361 -27.48 -12.66 7.33
N GLY A 362 -26.95 -12.21 6.16
CA GLY A 362 -26.92 -10.82 5.79
C GLY A 362 -28.26 -10.15 5.91
N ASN A 363 -29.35 -10.81 5.53
CA ASN A 363 -30.68 -10.13 5.60
C ASN A 363 -31.03 -9.70 7.02
N LEU A 364 -30.66 -10.57 8.01
CA LEU A 364 -30.86 -10.25 9.44
C LEU A 364 -29.91 -9.09 9.89
N MET A 365 -28.73 -9.02 9.28
CA MET A 365 -27.75 -7.99 9.61
C MET A 365 -28.14 -6.62 9.07
N ASP A 366 -28.48 -6.57 7.77
CA ASP A 366 -28.85 -5.28 7.12
C ASP A 366 -30.02 -4.62 7.80
N ALA A 367 -31.04 -5.42 8.15
CA ALA A 367 -32.19 -4.91 8.86
C ALA A 367 -31.93 -4.72 10.38
N SER A 368 -30.65 -4.58 10.79
CA SER A 368 -30.30 -4.30 12.22
C SER A 368 -30.81 -5.31 13.33
N LYS A 369 -30.81 -6.63 13.06
CA LYS A 369 -31.29 -7.56 14.10
C LYS A 369 -30.36 -8.71 14.41
N LEU A 370 -29.18 -8.70 13.78
CA LEU A 370 -28.17 -9.76 14.01
C LEU A 370 -26.73 -9.17 14.23
N SER A 371 -26.05 -9.57 15.29
CA SER A 371 -24.71 -9.03 15.56
C SER A 371 -23.67 -10.10 15.62
N LEU A 372 -24.04 -11.25 16.17
CA LEU A 372 -23.10 -12.37 16.23
C LEU A 372 -23.68 -13.65 15.64
N CYS A 373 -23.02 -14.20 14.64
CA CYS A 373 -23.48 -15.40 14.01
C CYS A 373 -22.34 -16.32 13.66
N GLY A 374 -22.65 -17.58 13.23
CA GLY A 374 -21.60 -18.56 12.86
C GLY A 374 -22.17 -19.97 12.66
N GLU A 375 -21.35 -20.88 12.11
CA GLU A 375 -21.82 -22.27 11.91
C GLU A 375 -20.79 -23.36 12.26
N GLU A 376 -21.23 -24.61 12.28
CA GLU A 376 -20.36 -25.71 12.62
C GLU A 376 -19.25 -25.92 11.63
N SER A 377 -19.42 -25.44 10.42
CA SER A 377 -18.40 -25.56 9.39
C SER A 377 -17.25 -24.57 9.62
N PHE A 378 -16.79 -24.41 10.89
CA PHE A 378 -15.68 -23.51 11.24
C PHE A 378 -15.84 -22.08 10.76
N GLY A 379 -17.06 -21.54 10.78
CA GLY A 379 -17.27 -20.19 10.21
C GLY A 379 -17.98 -19.11 11.10
N THR A 380 -17.23 -18.53 11.99
CA THR A 380 -17.75 -17.47 12.91
C THR A 380 -17.62 -16.05 12.34
N GLY A 381 -18.61 -15.23 12.55
CA GLY A 381 -18.55 -13.88 12.01
C GLY A 381 -19.45 -12.93 12.74
N SER A 382 -19.56 -11.76 12.23
CA SER A 382 -20.38 -10.75 12.87
C SER A 382 -20.83 -9.78 11.88
N ASP A 383 -21.61 -8.76 12.29
CA ASP A 383 -22.08 -7.78 11.31
C ASP A 383 -21.08 -6.68 10.97
N HIS A 384 -19.87 -6.65 11.61
CA HIS A 384 -18.85 -5.65 11.23
C HIS A 384 -18.68 -5.55 9.69
N ILE A 385 -18.87 -6.70 9.02
CA ILE A 385 -18.86 -6.83 7.56
C ILE A 385 -20.05 -7.76 7.23
N ARG A 386 -20.13 -8.34 6.00
CA ARG A 386 -21.24 -9.29 5.71
C ARG A 386 -20.74 -10.71 5.34
N GLU A 387 -19.45 -10.92 5.42
CA GLU A 387 -18.85 -12.24 5.10
C GLU A 387 -18.34 -12.91 6.37
N LYS A 388 -17.97 -14.18 6.27
CA LYS A 388 -17.43 -14.85 7.47
C LYS A 388 -15.97 -14.39 7.62
N ASP A 389 -15.38 -14.50 8.80
CA ASP A 389 -14.01 -13.98 9.01
C ASP A 389 -13.17 -14.80 10.01
N GLY A 390 -12.21 -15.53 9.48
CA GLY A 390 -11.34 -16.42 10.30
C GLY A 390 -10.41 -15.65 11.28
N LEU A 391 -9.73 -14.61 10.78
CA LEU A 391 -8.82 -13.79 11.63
C LEU A 391 -9.62 -12.89 12.68
N TRP A 392 -10.84 -12.40 12.32
CA TRP A 392 -11.68 -11.69 13.30
C TRP A 392 -11.97 -12.64 14.46
N ALA A 393 -12.36 -13.94 14.13
CA ALA A 393 -12.66 -14.96 15.20
C ALA A 393 -11.44 -15.33 16.07
N VAL A 394 -10.21 -15.49 15.44
CA VAL A 394 -8.97 -15.74 16.23
C VAL A 394 -8.73 -14.59 17.15
N LEU A 395 -8.77 -13.34 16.61
CA LEU A 395 -8.54 -12.15 17.46
C LEU A 395 -9.66 -11.91 18.47
N ALA A 396 -10.88 -12.44 18.19
CA ALA A 396 -11.97 -12.37 19.20
C ALA A 396 -11.62 -13.30 20.38
N TRP A 397 -10.99 -14.49 20.10
CA TRP A 397 -10.55 -15.41 21.19
C TRP A 397 -9.38 -14.88 22.01
N LEU A 398 -8.47 -14.13 21.37
CA LEU A 398 -7.36 -13.49 22.10
C LEU A 398 -7.89 -12.30 23.00
N SER A 399 -8.95 -11.57 22.55
CA SER A 399 -9.52 -10.53 23.36
C SER A 399 -10.12 -11.12 24.63
N ILE A 400 -10.85 -12.26 24.50
CA ILE A 400 -11.45 -12.99 25.70
C ILE A 400 -10.36 -13.54 26.65
N LEU A 401 -9.33 -14.20 26.10
CA LEU A 401 -8.26 -14.72 26.94
C LEU A 401 -7.55 -13.60 27.68
N ALA A 402 -7.26 -12.51 26.99
CA ALA A 402 -6.56 -11.38 27.65
C ALA A 402 -7.36 -10.71 28.76
N THR A 403 -8.71 -10.56 28.59
CA THR A 403 -9.55 -9.96 29.66
C THR A 403 -9.82 -10.93 30.77
N ARG A 404 -10.18 -12.16 30.45
CA ARG A 404 -10.43 -13.16 31.48
C ARG A 404 -9.15 -13.61 32.21
N LYS A 405 -8.07 -13.86 31.45
CA LYS A 405 -6.76 -14.31 32.01
C LYS A 405 -6.67 -15.83 32.33
N GLN A 406 -7.64 -16.59 31.85
CA GLN A 406 -7.68 -18.02 32.06
C GLN A 406 -7.15 -18.79 30.81
N SER A 407 -6.86 -20.10 30.94
CA SER A 407 -6.49 -20.92 29.76
C SER A 407 -7.75 -21.22 28.90
N VAL A 408 -7.58 -21.65 27.65
CA VAL A 408 -8.77 -21.98 26.82
C VAL A 408 -9.61 -23.13 27.45
N GLU A 409 -8.93 -24.17 28.00
CA GLU A 409 -9.64 -25.32 28.62
C GLU A 409 -10.55 -24.89 29.75
N ASP A 410 -10.03 -24.06 30.68
CA ASP A 410 -10.84 -23.59 31.82
C ASP A 410 -12.01 -22.71 31.43
N ILE A 411 -11.86 -21.87 30.39
CA ILE A 411 -12.98 -20.98 29.96
C ILE A 411 -14.23 -21.81 29.58
N LEU A 412 -13.99 -22.88 28.78
CA LEU A 412 -15.07 -23.76 28.39
C LEU A 412 -15.53 -24.68 29.52
N LYS A 413 -14.66 -25.17 30.41
CA LYS A 413 -15.14 -26.01 31.52
C LYS A 413 -16.07 -25.20 32.38
N ASP A 414 -15.70 -23.95 32.62
CA ASP A 414 -16.55 -23.02 33.36
C ASP A 414 -17.83 -22.74 32.55
N HIS A 415 -17.70 -22.49 31.22
CA HIS A 415 -18.90 -22.27 30.34
C HIS A 415 -19.83 -23.49 30.33
N TRP A 416 -19.27 -24.73 30.32
CA TRP A 416 -20.10 -25.98 30.34
C TRP A 416 -20.78 -26.14 31.69
N HIS A 417 -20.07 -25.83 32.81
CA HIS A 417 -20.70 -25.92 34.14
C HIS A 417 -21.70 -24.77 34.35
N LYS A 418 -21.57 -23.67 33.60
CA LYS A 418 -22.48 -22.55 33.80
C LYS A 418 -23.78 -22.68 32.99
N PHE A 419 -23.78 -23.48 31.93
CA PHE A 419 -25.00 -23.66 31.10
C PHE A 419 -25.31 -25.12 30.85
N GLY A 420 -24.28 -25.90 30.68
CA GLY A 420 -24.47 -27.29 30.36
C GLY A 420 -23.71 -27.58 29.07
N ARG A 421 -23.56 -28.86 28.72
CA ARG A 421 -22.79 -29.15 27.56
C ARG A 421 -23.58 -29.61 26.34
N ASN A 422 -23.29 -29.04 25.21
CA ASN A 422 -23.91 -29.44 23.98
C ASN A 422 -22.87 -30.21 23.10
N PHE A 423 -22.94 -31.54 23.11
CA PHE A 423 -22.05 -32.38 22.31
C PHE A 423 -22.37 -32.30 20.79
N PHE A 424 -21.36 -32.52 19.94
CA PHE A 424 -21.55 -32.38 18.49
C PHE A 424 -20.45 -33.11 17.74
N THR A 425 -20.81 -33.68 16.58
CA THR A 425 -19.84 -34.36 15.71
C THR A 425 -20.38 -34.39 14.31
N ARG A 426 -19.52 -34.13 13.32
CA ARG A 426 -19.94 -34.21 11.91
C ARG A 426 -19.40 -35.54 11.32
N TYR A 427 -20.02 -36.61 11.82
CA TYR A 427 -19.68 -38.01 11.47
C TYR A 427 -20.59 -38.45 10.26
N ASP A 428 -20.07 -38.25 9.04
CA ASP A 428 -20.85 -38.52 7.78
C ASP A 428 -20.89 -39.98 7.18
N TYR A 429 -21.70 -40.10 6.16
CA TYR A 429 -21.80 -41.31 5.35
C TYR A 429 -21.62 -40.83 3.87
N GLU A 430 -20.47 -40.16 3.62
CA GLU A 430 -20.17 -39.51 2.28
C GLU A 430 -20.32 -40.43 1.02
N GLU A 431 -21.25 -40.07 0.07
CA GLU A 431 -21.48 -40.90 -1.12
C GLU A 431 -21.49 -42.43 -0.74
N VAL A 432 -22.66 -43.04 -0.42
CA VAL A 432 -22.63 -44.45 0.02
C VAL A 432 -23.59 -45.46 -0.66
N GLU A 433 -24.94 -45.51 -0.29
CA GLU A 433 -25.83 -46.56 -0.85
C GLU A 433 -26.89 -46.08 -1.78
N ALA A 434 -26.88 -46.69 -2.99
CA ALA A 434 -27.79 -46.29 -4.10
C ALA A 434 -29.27 -46.62 -3.98
N GLU A 435 -29.69 -47.47 -3.01
CA GLU A 435 -31.16 -47.81 -2.89
C GLU A 435 -31.71 -47.92 -1.38
N GLY A 436 -30.86 -47.80 -0.36
CA GLY A 436 -31.35 -47.98 1.02
C GLY A 436 -32.16 -46.78 1.59
N ALA A 437 -31.41 -45.66 1.87
CA ALA A 437 -31.98 -44.39 2.51
C ALA A 437 -33.03 -43.66 1.68
N THR A 438 -33.87 -44.37 0.91
CA THR A 438 -34.89 -43.70 0.12
C THR A 438 -36.14 -43.71 0.93
N LYS A 439 -36.69 -44.93 1.13
CA LYS A 439 -37.89 -45.08 1.94
C LYS A 439 -37.56 -44.81 3.44
N MET A 440 -36.33 -45.26 3.88
CA MET A 440 -35.90 -45.08 5.32
C MET A 440 -36.08 -43.63 5.81
N MET A 441 -35.60 -42.63 4.95
CA MET A 441 -35.72 -41.21 5.29
C MET A 441 -37.05 -40.57 4.80
N LYS A 442 -38.00 -41.45 4.48
CA LYS A 442 -39.38 -41.05 4.15
C LYS A 442 -40.35 -41.91 5.07
N ASP A 443 -39.72 -42.84 5.86
CA ASP A 443 -40.46 -43.68 6.78
C ASP A 443 -41.00 -42.91 8.09
N LEU A 444 -40.18 -42.06 8.71
CA LEU A 444 -40.66 -41.34 9.93
C LEU A 444 -41.82 -40.34 9.66
N GLU A 445 -41.77 -39.61 8.47
CA GLU A 445 -42.82 -38.61 8.15
C GLU A 445 -44.14 -39.24 7.75
N ALA A 446 -45.00 -39.44 8.81
CA ALA A 446 -46.33 -40.08 8.73
C ALA A 446 -46.52 -41.01 9.98
N LEU A 447 -45.60 -42.01 10.08
CA LEU A 447 -45.59 -43.04 11.15
C LEU A 447 -45.89 -42.50 12.61
N MET A 448 -45.38 -41.28 12.95
CA MET A 448 -45.54 -40.77 14.32
C MET A 448 -46.97 -40.24 14.63
N PHE A 449 -47.87 -40.26 13.63
CA PHE A 449 -49.21 -39.79 13.86
C PHE A 449 -50.15 -40.79 14.64
N ASP A 450 -49.71 -41.09 15.89
CA ASP A 450 -50.50 -41.88 16.80
C ASP A 450 -50.49 -41.23 18.21
N ARG A 451 -51.72 -40.90 18.71
CA ARG A 451 -51.87 -40.19 20.01
C ARG A 451 -51.30 -40.87 21.32
N SER A 452 -50.64 -42.03 21.24
CA SER A 452 -50.18 -42.66 22.48
C SER A 452 -48.67 -42.62 22.78
N PHE A 453 -47.85 -41.94 21.98
CA PHE A 453 -46.36 -42.01 22.24
C PHE A 453 -45.74 -40.80 22.99
N VAL A 454 -46.55 -39.75 23.25
CA VAL A 454 -46.04 -38.54 23.98
C VAL A 454 -45.81 -38.88 25.50
N GLY A 455 -44.72 -39.65 25.78
CA GLY A 455 -44.44 -40.09 27.16
C GLY A 455 -43.76 -41.50 27.17
N LYS A 456 -42.45 -41.51 26.92
CA LYS A 456 -41.70 -42.77 26.87
C LYS A 456 -40.69 -42.97 28.03
N GLN A 457 -40.95 -44.01 28.82
CA GLN A 457 -40.09 -44.33 29.94
C GLN A 457 -38.97 -45.21 29.44
N PHE A 458 -37.77 -45.08 29.99
CA PHE A 458 -36.63 -45.82 29.42
C PHE A 458 -36.01 -46.92 30.30
N SER A 459 -35.17 -47.78 29.70
CA SER A 459 -34.45 -48.82 30.47
C SER A 459 -33.16 -49.21 29.76
N ALA A 460 -32.52 -48.22 29.14
CA ALA A 460 -31.25 -48.46 28.43
C ALA A 460 -30.09 -47.62 28.98
N ASN A 461 -28.96 -48.29 29.30
CA ASN A 461 -27.78 -47.60 29.80
C ASN A 461 -28.05 -46.86 31.16
N ASP A 462 -28.24 -45.50 31.16
CA ASP A 462 -28.57 -44.79 32.43
C ASP A 462 -29.19 -43.40 32.19
N LYS A 463 -29.72 -42.80 33.30
CA LYS A 463 -30.34 -41.41 33.28
C LYS A 463 -31.56 -41.17 32.33
N VAL A 464 -32.75 -40.96 32.92
CA VAL A 464 -33.98 -40.77 32.10
C VAL A 464 -33.94 -39.50 31.21
N TYR A 465 -34.38 -39.64 29.91
CA TYR A 465 -34.44 -38.47 28.99
C TYR A 465 -35.89 -38.17 28.52
N THR A 466 -36.61 -37.36 29.34
CA THR A 466 -38.06 -37.07 29.05
C THR A 466 -38.42 -36.52 27.63
N VAL A 467 -39.66 -36.79 27.22
CA VAL A 467 -40.15 -36.43 25.88
C VAL A 467 -40.73 -34.97 25.79
N GLU A 468 -40.80 -34.42 24.54
CA GLU A 468 -41.43 -33.09 24.33
C GLU A 468 -41.67 -32.74 22.87
N LYS A 469 -40.60 -32.65 22.05
CA LYS A 469 -40.82 -32.28 20.60
C LYS A 469 -40.36 -33.34 19.58
N ALA A 470 -40.30 -32.96 18.26
CA ALA A 470 -39.91 -33.92 17.13
C ALA A 470 -40.47 -33.44 15.74
N ASP A 471 -39.63 -33.04 14.74
CA ASP A 471 -40.23 -32.62 13.45
C ASP A 471 -39.26 -32.54 12.18
N ASN A 472 -39.32 -31.38 11.38
CA ASN A 472 -38.53 -31.22 10.18
C ASN A 472 -38.16 -29.75 9.93
N PHE A 473 -37.35 -29.42 8.86
CA PHE A 473 -36.87 -27.97 8.61
C PHE A 473 -37.14 -27.31 7.20
N GLU A 474 -37.51 -26.01 7.29
CA GLU A 474 -37.76 -25.15 6.13
C GLU A 474 -37.50 -23.74 6.59
N TYR A 475 -37.30 -22.75 5.69
CA TYR A 475 -36.97 -21.38 6.20
C TYR A 475 -37.68 -20.25 5.44
N HIS A 476 -38.28 -19.35 6.17
CA HIS A 476 -38.95 -18.19 5.56
C HIS A 476 -38.25 -16.88 6.05
N ASP A 477 -37.48 -16.22 5.15
CA ASP A 477 -36.75 -14.98 5.54
C ASP A 477 -37.72 -13.91 5.97
N PRO A 478 -37.55 -13.39 7.16
CA PRO A 478 -38.39 -12.39 7.74
C PRO A 478 -38.25 -11.01 7.10
N VAL A 479 -37.23 -10.80 6.29
CA VAL A 479 -37.04 -9.46 5.71
C VAL A 479 -37.63 -9.30 4.28
N ASP A 480 -37.37 -10.28 3.38
CA ASP A 480 -37.88 -10.17 1.99
C ASP A 480 -38.90 -11.28 1.58
N GLY A 481 -39.04 -12.37 2.40
CA GLY A 481 -40.02 -13.44 2.08
C GLY A 481 -39.47 -14.63 1.27
N SER A 482 -38.16 -14.87 1.29
CA SER A 482 -37.58 -16.03 0.55
C SER A 482 -37.92 -17.36 1.26
N VAL A 483 -38.02 -18.49 0.53
CA VAL A 483 -38.31 -19.78 1.18
C VAL A 483 -37.19 -20.82 0.91
N SER A 484 -37.22 -21.93 1.69
CA SER A 484 -36.20 -23.02 1.55
C SER A 484 -36.75 -24.46 1.09
N LYS A 485 -35.86 -25.47 1.08
CA LYS A 485 -36.27 -26.83 0.64
C LYS A 485 -36.04 -28.07 1.63
N ASN A 486 -37.26 -28.74 2.07
CA ASN A 486 -37.33 -30.00 2.95
C ASN A 486 -36.00 -30.67 3.47
N GLN A 487 -35.30 -31.39 2.58
CA GLN A 487 -33.93 -32.02 2.85
C GLN A 487 -33.51 -32.75 4.25
N GLY A 488 -33.45 -32.04 5.44
CA GLY A 488 -32.83 -32.72 6.69
C GLY A 488 -33.76 -32.94 7.94
N LEU A 489 -34.05 -34.21 8.28
CA LEU A 489 -34.96 -34.51 9.46
C LEU A 489 -34.23 -34.25 10.80
N ARG A 490 -34.97 -34.03 11.91
CA ARG A 490 -34.26 -33.83 13.25
C ARG A 490 -35.15 -34.24 14.56
N LEU A 491 -34.82 -35.42 15.12
CA LEU A 491 -35.57 -35.99 16.28
C LEU A 491 -35.27 -35.26 17.60
N ILE A 492 -36.15 -34.39 18.11
CA ILE A 492 -35.80 -33.63 19.40
C ILE A 492 -36.63 -34.02 20.71
N PHE A 493 -36.24 -33.51 21.91
CA PHE A 493 -37.07 -33.75 23.14
C PHE A 493 -36.94 -32.64 24.27
N ALA A 494 -37.52 -32.92 25.52
CA ALA A 494 -37.59 -31.88 26.67
C ALA A 494 -36.41 -30.84 26.79
N ASP A 495 -35.17 -31.33 27.00
CA ASP A 495 -34.02 -30.44 27.16
C ASP A 495 -33.57 -29.86 25.82
N GLY A 496 -33.16 -30.74 24.92
CA GLY A 496 -32.66 -30.32 23.62
C GLY A 496 -31.60 -31.30 23.08
N SER A 497 -32.01 -32.33 22.21
CA SER A 497 -31.01 -33.28 21.60
C SER A 497 -31.43 -33.71 20.16
N ARG A 498 -30.51 -33.86 19.19
CA ARG A 498 -30.99 -34.13 17.78
C ARG A 498 -29.97 -34.69 16.68
N ILE A 499 -30.55 -35.47 15.74
CA ILE A 499 -29.80 -36.09 14.58
C ILE A 499 -30.36 -35.51 13.23
N ILE A 500 -29.62 -34.67 12.59
CA ILE A 500 -30.07 -34.05 11.35
C ILE A 500 -29.89 -35.00 10.19
N PHE A 501 -30.85 -36.00 10.04
CA PHE A 501 -30.79 -37.05 8.95
C PHE A 501 -30.76 -36.36 7.59
N ARG A 502 -29.55 -36.10 7.03
CA ARG A 502 -29.47 -35.31 5.75
C ARG A 502 -29.59 -36.10 4.33
N LEU A 503 -30.75 -35.96 3.71
CA LEU A 503 -30.90 -36.50 2.39
C LEU A 503 -30.36 -35.43 1.47
N SER A 504 -29.57 -35.82 0.44
CA SER A 504 -29.02 -34.77 -0.53
C SER A 504 -30.13 -34.21 -1.50
N GLY A 505 -30.02 -32.95 -1.86
CA GLY A 505 -30.96 -32.36 -2.84
C GLY A 505 -30.27 -32.25 -4.21
N THR A 506 -29.02 -31.80 -4.19
CA THR A 506 -28.22 -31.67 -5.40
C THR A 506 -27.36 -32.94 -5.65
N GLY A 507 -27.61 -34.02 -4.84
CA GLY A 507 -26.86 -35.26 -5.01
C GLY A 507 -27.36 -36.08 -6.22
N SER A 508 -26.78 -35.84 -7.43
CA SER A 508 -27.20 -36.58 -8.62
C SER A 508 -26.52 -37.93 -8.71
N ALA A 509 -25.17 -37.93 -8.63
CA ALA A 509 -24.41 -39.18 -8.74
C ALA A 509 -24.62 -40.12 -7.52
N GLY A 510 -24.93 -39.55 -6.39
CA GLY A 510 -25.17 -40.35 -5.20
C GLY A 510 -25.61 -39.51 -4.00
N ALA A 511 -26.16 -40.14 -2.96
CA ALA A 511 -26.61 -39.39 -1.84
C ALA A 511 -25.57 -39.31 -0.66
N THR A 512 -25.11 -38.08 -0.27
CA THR A 512 -24.25 -38.04 0.94
C THR A 512 -25.09 -37.88 2.17
N ILE A 513 -24.95 -38.82 3.08
CA ILE A 513 -25.69 -38.73 4.31
C ILE A 513 -24.85 -37.97 5.33
N ARG A 514 -24.58 -36.63 5.01
CA ARG A 514 -23.77 -35.75 5.93
C ARG A 514 -24.48 -35.60 7.31
N LEU A 515 -23.94 -36.30 8.31
CA LEU A 515 -24.55 -36.32 9.60
C LEU A 515 -24.13 -35.29 10.60
N TYR A 516 -25.13 -34.54 11.13
CA TYR A 516 -24.91 -33.56 12.18
C TYR A 516 -25.64 -34.03 13.51
N ILE A 517 -24.90 -34.51 14.54
CA ILE A 517 -25.55 -35.02 15.82
C ILE A 517 -25.38 -34.04 17.05
N ASP A 518 -26.41 -33.95 17.95
CA ASP A 518 -26.34 -33.00 19.15
C ASP A 518 -26.88 -33.61 20.49
N SER A 519 -26.05 -33.58 21.56
CA SER A 519 -26.47 -34.13 22.89
C SER A 519 -26.25 -33.15 24.07
N TYR A 520 -27.32 -32.71 24.67
CA TYR A 520 -27.23 -31.70 25.72
C TYR A 520 -27.11 -32.22 27.16
N GLU A 521 -25.93 -32.23 27.77
CA GLU A 521 -25.80 -32.74 29.17
C GLU A 521 -25.93 -31.60 30.35
N LYS A 522 -26.67 -31.88 31.48
CA LYS A 522 -26.82 -30.85 32.58
C LYS A 522 -25.80 -30.98 33.77
N ASP A 523 -25.45 -32.24 34.15
CA ASP A 523 -24.62 -32.46 35.32
C ASP A 523 -23.09 -32.30 35.22
N ASN A 524 -22.56 -31.77 36.35
CA ASN A 524 -21.14 -31.53 36.56
C ASN A 524 -20.18 -32.66 36.02
N ALA A 525 -20.43 -33.91 36.43
CA ALA A 525 -19.54 -35.05 36.07
C ALA A 525 -19.56 -35.55 34.63
N LYS A 526 -20.74 -35.66 34.06
CA LYS A 526 -20.84 -36.26 32.70
C LYS A 526 -20.47 -35.32 31.53
N ILE A 527 -20.08 -34.07 31.87
CA ILE A 527 -19.79 -33.03 30.87
C ILE A 527 -18.31 -32.88 30.46
N ASN A 528 -17.40 -32.86 31.44
CA ASN A 528 -15.97 -32.60 31.18
C ASN A 528 -15.17 -33.71 30.40
N GLN A 529 -15.63 -34.97 30.34
CA GLN A 529 -14.84 -36.01 29.65
C GLN A 529 -15.55 -36.75 28.47
N ASP A 530 -14.71 -37.32 27.56
CA ASP A 530 -15.18 -38.06 26.41
C ASP A 530 -15.95 -37.22 25.35
N PRO A 531 -15.68 -37.51 24.02
CA PRO A 531 -16.30 -36.82 22.85
C PRO A 531 -17.40 -37.68 22.16
N GLN A 532 -17.08 -38.39 21.06
CA GLN A 532 -18.07 -39.26 20.37
C GLN A 532 -18.52 -40.50 21.25
N VAL A 533 -18.09 -40.57 22.52
CA VAL A 533 -18.55 -41.67 23.39
C VAL A 533 -19.74 -41.22 24.28
N MET A 534 -19.63 -40.02 24.97
CA MET A 534 -20.79 -39.49 25.81
C MET A 534 -22.02 -39.20 24.91
N LEU A 535 -21.77 -39.18 23.59
CA LEU A 535 -22.83 -39.00 22.56
C LEU A 535 -23.73 -40.28 22.41
N ALA A 536 -23.26 -41.43 23.00
CA ALA A 536 -23.94 -42.79 22.82
C ALA A 536 -25.49 -42.82 22.87
N PRO A 537 -26.14 -42.29 23.92
CA PRO A 537 -27.61 -42.26 24.00
C PRO A 537 -28.23 -41.69 22.71
N LEU A 538 -27.67 -40.58 22.21
CA LEU A 538 -28.20 -40.02 20.96
C LEU A 538 -27.91 -40.97 19.78
N ILE A 539 -26.76 -41.64 19.81
CA ILE A 539 -26.44 -42.64 18.75
C ILE A 539 -26.73 -44.08 19.23
N SER A 540 -27.75 -44.17 20.05
CA SER A 540 -28.28 -45.43 20.52
C SER A 540 -29.69 -45.46 19.99
N ILE A 541 -30.45 -44.37 20.28
CA ILE A 541 -31.79 -44.26 19.79
C ILE A 541 -31.74 -44.15 18.22
N ALA A 542 -30.77 -43.34 17.77
CA ALA A 542 -30.57 -43.09 16.36
C ALA A 542 -30.05 -44.23 15.63
N LEU A 543 -29.45 -45.18 16.29
CA LEU A 543 -29.00 -46.39 15.55
C LEU A 543 -30.07 -47.55 15.58
N LYS A 544 -30.93 -47.57 16.62
CA LYS A 544 -31.95 -48.64 16.79
C LYS A 544 -33.19 -48.48 15.87
N VAL A 545 -33.59 -47.19 15.65
CA VAL A 545 -34.83 -46.86 14.90
C VAL A 545 -35.20 -47.81 13.68
N SER A 546 -34.61 -47.60 12.53
CA SER A 546 -35.05 -48.38 11.32
C SER A 546 -34.43 -49.79 11.14
N GLN A 547 -33.73 -50.37 12.15
CA GLN A 547 -32.99 -51.69 11.91
C GLN A 547 -31.92 -51.47 10.76
N LEU A 548 -31.59 -50.16 10.58
CA LEU A 548 -30.67 -49.62 9.53
C LEU A 548 -29.66 -50.59 8.84
N GLN A 549 -28.86 -51.33 9.63
CA GLN A 549 -27.86 -52.25 9.03
C GLN A 549 -28.49 -53.37 8.12
N GLU A 550 -29.62 -54.00 8.55
CA GLU A 550 -30.27 -55.01 7.71
C GLU A 550 -31.41 -54.40 6.81
N ARG A 551 -31.74 -53.07 7.04
CA ARG A 551 -32.81 -52.39 6.25
C ARG A 551 -32.26 -51.36 5.23
N THR A 552 -30.99 -50.94 5.42
CA THR A 552 -30.33 -50.01 4.45
C THR A 552 -28.93 -50.56 4.01
N GLY A 553 -27.93 -50.61 4.93
CA GLY A 553 -26.62 -51.21 4.53
C GLY A 553 -25.33 -50.28 4.67
N ARG A 554 -24.86 -49.99 5.96
CA ARG A 554 -23.63 -49.15 6.21
C ARG A 554 -23.17 -49.11 7.71
N THR A 555 -22.02 -49.77 8.01
CA THR A 555 -21.47 -49.83 9.40
C THR A 555 -19.97 -49.55 9.38
N ALA A 556 -19.45 -49.05 8.23
CA ALA A 556 -18.00 -48.71 8.15
C ALA A 556 -17.78 -47.19 8.14
N PRO A 557 -17.21 -46.64 9.22
CA PRO A 557 -16.91 -45.18 9.37
C PRO A 557 -16.36 -44.52 8.05
N THR A 558 -16.43 -43.19 7.93
CA THR A 558 -15.92 -42.55 6.70
C THR A 558 -14.99 -41.36 6.96
N VAL A 559 -15.55 -40.21 7.40
CA VAL A 559 -14.69 -39.03 7.68
C VAL A 559 -15.19 -38.16 8.96
N ILE A 560 -14.66 -38.52 10.14
CA ILE A 560 -15.11 -37.91 11.39
C ILE A 560 -14.55 -36.52 11.67
N THR A 561 -15.44 -35.62 12.12
CA THR A 561 -15.03 -34.24 12.53
C THR A 561 -15.86 -33.77 13.75
N VAL B 1 -5.54 9.39 24.80
CA VAL B 1 -4.19 9.85 25.24
C VAL B 1 -4.21 11.24 25.95
N LYS B 2 -3.46 11.39 27.08
CA LYS B 2 -3.46 12.70 27.83
C LYS B 2 -2.64 13.81 27.22
N ILE B 3 -3.24 14.98 27.06
CA ILE B 3 -2.52 16.13 26.53
C ILE B 3 -1.94 17.03 27.71
N VAL B 4 -0.62 17.23 27.73
CA VAL B 4 -0.01 18.05 28.78
C VAL B 4 0.86 19.21 28.21
N THR B 5 0.99 20.31 28.97
CA THR B 5 1.81 21.46 28.51
C THR B 5 3.06 21.61 29.27
N VAL B 6 4.18 21.72 28.56
CA VAL B 6 5.46 21.90 29.22
C VAL B 6 6.03 23.30 29.01
N LYS B 7 6.36 23.99 30.13
CA LYS B 7 6.94 25.31 30.05
C LYS B 7 8.39 25.22 29.56
N THR B 8 8.67 25.82 28.41
CA THR B 8 10.01 25.70 27.84
C THR B 8 10.77 27.02 27.70
N LYS B 9 12.12 26.87 27.52
CA LYS B 9 13.01 27.99 27.30
C LYS B 9 13.42 28.02 25.83
N ALA B 10 13.42 29.18 25.20
CA ALA B 10 13.75 29.28 23.74
C ALA B 10 15.27 29.23 23.35
N TYR B 11 15.55 29.17 22.03
CA TYR B 11 16.97 29.17 21.51
C TYR B 11 17.15 30.25 20.39
N PRO B 12 18.12 31.18 20.50
CA PRO B 12 18.32 32.25 19.52
C PRO B 12 18.87 31.82 18.18
N ASP B 13 19.32 30.57 18.01
CA ASP B 13 19.88 30.14 16.70
C ASP B 13 18.92 29.38 15.77
N GLN B 14 17.69 29.07 16.21
CA GLN B 14 16.74 28.33 15.36
C GLN B 14 16.19 29.15 14.17
N LYS B 15 16.98 29.34 13.12
CA LYS B 15 16.50 30.13 11.97
C LYS B 15 16.40 29.29 10.64
N PRO B 16 15.17 29.06 10.11
CA PRO B 16 14.95 28.29 8.86
C PRO B 16 15.28 29.16 7.62
N GLY B 17 16.13 28.68 6.72
CA GLY B 17 16.50 29.47 5.53
C GLY B 17 15.78 29.00 4.27
N THR B 18 16.52 28.67 3.23
CA THR B 18 15.86 28.16 2.01
C THR B 18 15.54 26.67 2.15
N SER B 19 16.44 25.93 2.79
CA SER B 19 16.26 24.48 2.92
C SER B 19 15.99 24.03 4.36
N GLY B 20 15.13 24.79 5.07
CA GLY B 20 14.75 24.44 6.45
C GLY B 20 15.85 24.62 7.48
N LEU B 21 15.76 23.91 8.60
CA LEU B 21 16.76 24.06 9.64
C LEU B 21 17.82 23.01 9.58
N ARG B 22 19.00 23.41 9.11
CA ARG B 22 20.15 22.49 9.01
C ARG B 22 21.17 22.68 10.20
N LYS B 23 21.09 21.82 11.22
CA LYS B 23 22.04 21.85 12.36
C LYS B 23 22.77 20.50 12.49
N ARG B 24 23.74 20.38 13.37
CA ARG B 24 24.40 19.07 13.55
C ARG B 24 23.56 18.13 14.45
N VAL B 25 23.62 16.80 14.20
CA VAL B 25 22.82 15.79 15.01
C VAL B 25 22.98 15.96 16.54
N LYS B 26 24.19 16.26 17.00
CA LYS B 26 24.42 16.44 18.41
C LYS B 26 23.91 17.78 18.99
N VAL B 27 22.99 18.46 18.33
CA VAL B 27 22.40 19.66 18.92
C VAL B 27 20.90 19.41 19.23
N PHE B 28 20.26 18.42 18.53
CA PHE B 28 18.87 18.05 18.81
C PHE B 28 18.85 16.98 19.88
N GLN B 29 19.77 15.97 19.71
CA GLN B 29 19.93 14.78 20.62
C GLN B 29 19.64 14.98 22.11
N SER B 30 20.66 15.26 22.92
CA SER B 30 20.44 15.38 24.37
C SER B 30 20.15 16.81 24.86
N SER B 31 20.13 17.81 23.96
CA SER B 31 19.84 19.21 24.40
C SER B 31 18.33 19.38 24.70
N THR B 32 17.92 18.86 25.88
CA THR B 32 16.52 18.90 26.32
C THR B 32 15.78 20.18 26.02
N ASN B 33 15.00 20.15 24.88
CA ASN B 33 14.10 21.28 24.40
C ASN B 33 14.21 21.56 22.90
N TYR B 34 15.39 21.29 22.27
CA TYR B 34 15.64 21.73 20.86
C TYR B 34 14.65 21.28 19.72
N ALA B 35 14.40 19.97 19.58
CA ALA B 35 13.46 19.48 18.49
C ALA B 35 11.97 19.79 18.78
N GLU B 36 11.56 19.57 20.00
CA GLU B 36 10.19 19.81 20.37
C GLU B 36 9.82 21.28 20.18
N ASN B 37 10.79 22.16 20.50
CA ASN B 37 10.65 23.63 20.38
C ASN B 37 10.40 24.09 18.97
N PHE B 38 11.25 23.64 18.04
CA PHE B 38 11.11 24.04 16.63
C PHE B 38 9.78 23.52 15.99
N ILE B 39 9.45 22.23 16.19
CA ILE B 39 8.20 21.69 15.63
C ILE B 39 7.01 22.49 16.12
N GLN B 40 6.95 22.74 17.42
CA GLN B 40 5.85 23.52 17.99
C GLN B 40 5.59 24.84 17.22
N SER B 41 6.65 25.60 16.93
CA SER B 41 6.50 26.86 16.19
C SER B 41 6.03 26.62 14.77
N ILE B 42 6.50 25.51 14.13
CA ILE B 42 6.05 25.17 12.73
C ILE B 42 4.49 25.07 12.67
N ILE B 43 3.90 24.21 13.56
CA ILE B 43 2.43 24.03 13.60
C ILE B 43 1.68 25.21 14.28
N SER B 44 2.46 26.24 14.73
CA SER B 44 1.86 27.45 15.34
C SER B 44 1.64 28.51 14.27
N THR B 45 2.23 28.31 13.09
CA THR B 45 2.00 29.25 11.98
C THR B 45 0.60 29.02 11.35
N VAL B 46 0.02 27.84 11.62
CA VAL B 46 -1.32 27.50 11.10
C VAL B 46 -2.44 27.82 12.14
N GLU B 47 -3.31 28.80 11.82
CA GLU B 47 -4.38 29.26 12.75
C GLU B 47 -5.08 28.14 13.51
N PRO B 48 -5.36 28.32 14.84
CA PRO B 48 -6.05 27.29 15.70
C PRO B 48 -7.38 26.76 15.08
N ALA B 49 -8.05 27.56 14.24
CA ALA B 49 -9.31 27.12 13.60
C ALA B 49 -9.03 26.35 12.28
N GLN B 50 -7.92 26.63 11.64
CA GLN B 50 -7.56 25.97 10.38
C GLN B 50 -6.89 24.59 10.60
N ARG B 51 -6.80 24.15 11.87
CA ARG B 51 -6.08 22.88 12.22
C ARG B 51 -6.87 21.58 12.21
N GLN B 52 -8.07 21.53 12.84
CA GLN B 52 -8.82 20.25 12.84
C GLN B 52 -9.14 19.72 11.41
N GLU B 53 -9.64 20.55 10.51
CA GLU B 53 -9.92 20.06 9.16
C GLU B 53 -8.64 20.05 8.26
N ALA B 54 -7.40 19.98 8.87
CA ALA B 54 -6.12 20.03 8.06
C ALA B 54 -5.14 18.83 8.22
N THR B 55 -4.36 18.55 7.13
CA THR B 55 -3.36 17.46 7.14
C THR B 55 -1.94 17.95 6.85
N LEU B 56 -0.98 17.27 7.39
CA LEU B 56 0.44 17.61 7.19
C LEU B 56 1.19 16.39 6.76
N VAL B 57 1.93 16.46 5.64
CA VAL B 57 2.70 15.27 5.20
C VAL B 57 4.07 15.15 5.88
N VAL B 58 4.39 14.01 6.42
CA VAL B 58 5.65 13.86 7.16
C VAL B 58 6.50 12.74 6.58
N GLY B 59 7.77 12.97 6.38
CA GLY B 59 8.65 11.94 5.84
C GLY B 59 10.11 12.27 6.07
N GLY B 60 10.98 11.30 5.91
CA GLY B 60 12.39 11.51 6.09
C GLY B 60 13.16 10.70 5.08
N ASP B 61 14.48 10.58 5.29
CA ASP B 61 15.34 9.85 4.32
C ASP B 61 15.92 8.54 4.81
N GLY B 62 15.64 8.13 6.03
CA GLY B 62 16.15 6.80 6.50
C GLY B 62 17.60 6.83 7.03
N ARG B 63 17.81 7.59 8.07
CA ARG B 63 19.12 7.68 8.68
C ARG B 63 18.97 8.09 10.13
N PHE B 64 20.06 8.41 10.80
CA PHE B 64 19.99 8.78 12.22
C PHE B 64 18.93 9.87 12.64
N TYR B 65 18.34 9.68 13.82
CA TYR B 65 17.35 10.60 14.41
C TYR B 65 16.06 10.83 13.61
N MET B 66 15.97 10.46 12.32
CA MET B 66 14.69 10.64 11.55
C MET B 66 13.45 9.97 12.23
N LYS B 67 13.56 8.67 12.59
CA LYS B 67 12.45 7.94 13.28
C LYS B 67 12.08 8.60 14.62
N GLU B 68 13.10 8.96 15.42
CA GLU B 68 12.85 9.62 16.72
C GLU B 68 12.15 10.98 16.54
N ALA B 69 12.58 11.76 15.50
CA ALA B 69 11.97 13.07 15.20
C ALA B 69 10.54 13.00 14.69
N ILE B 70 10.11 11.85 14.04
CA ILE B 70 8.69 11.66 13.58
C ILE B 70 7.73 11.32 14.74
N GLN B 71 8.19 10.55 15.75
CA GLN B 71 7.34 10.31 16.94
C GLN B 71 7.09 11.62 17.67
N LEU B 72 8.08 12.53 17.61
CA LEU B 72 7.94 13.86 18.22
C LEU B 72 6.90 14.72 17.48
N ILE B 73 7.01 14.76 16.17
CA ILE B 73 6.04 15.48 15.36
C ILE B 73 4.58 15.04 15.70
N VAL B 74 4.26 13.72 15.66
CA VAL B 74 2.86 13.25 15.93
C VAL B 74 2.38 13.63 17.33
N ARG B 75 3.22 13.49 18.34
CA ARG B 75 2.81 13.85 19.70
C ARG B 75 2.50 15.35 19.83
N ILE B 76 3.30 16.24 19.17
CA ILE B 76 3.03 17.71 19.25
C ILE B 76 1.91 18.16 18.33
N ALA B 77 1.85 17.62 17.12
CA ALA B 77 0.77 17.99 16.16
C ALA B 77 -0.56 17.56 16.67
N ALA B 78 -0.59 16.42 17.42
CA ALA B 78 -1.84 15.92 17.99
C ALA B 78 -2.36 16.85 19.10
N ALA B 79 -1.50 17.15 20.08
CA ALA B 79 -1.90 18.06 21.14
C ALA B 79 -2.28 19.46 20.59
N ASN B 80 -1.72 19.82 19.42
CA ASN B 80 -2.02 21.11 18.81
C ASN B 80 -3.22 21.08 17.90
N GLY B 81 -3.98 20.00 17.91
CA GLY B 81 -5.22 19.95 17.13
C GLY B 81 -5.08 19.72 15.62
N ILE B 82 -3.97 19.21 15.16
CA ILE B 82 -3.89 18.90 13.74
C ILE B 82 -4.81 17.65 13.44
N GLY B 83 -5.71 17.77 12.46
CA GLY B 83 -6.61 16.67 12.17
C GLY B 83 -5.88 15.40 11.72
N ARG B 84 -5.17 15.48 10.62
CA ARG B 84 -4.54 14.27 10.09
C ARG B 84 -3.10 14.41 9.73
N LEU B 85 -2.29 13.39 10.05
CA LEU B 85 -0.89 13.35 9.57
C LEU B 85 -0.72 12.17 8.57
N VAL B 86 -0.22 12.45 7.38
CA VAL B 86 0.02 11.40 6.39
C VAL B 86 1.52 11.04 6.36
N ILE B 87 1.90 9.95 7.01
CA ILE B 87 3.31 9.58 7.09
C ILE B 87 3.65 8.42 6.12
N GLY B 88 4.77 8.48 5.44
CA GLY B 88 5.12 7.40 4.61
C GLY B 88 5.49 6.15 5.42
N GLN B 89 5.68 4.97 4.73
CA GLN B 89 6.00 3.74 5.44
C GLN B 89 7.39 3.73 6.03
N ASN B 90 7.43 3.57 7.38
CA ASN B 90 8.69 3.60 8.19
C ASN B 90 9.25 5.00 8.36
N GLY B 91 8.50 5.96 7.88
CA GLY B 91 8.96 7.31 7.91
C GLY B 91 9.73 7.65 6.63
N ILE B 92 10.05 6.65 5.76
CA ILE B 92 10.81 6.91 4.50
C ILE B 92 9.95 7.57 3.39
N LEU B 93 10.23 8.82 3.11
CA LEU B 93 9.50 9.57 2.07
C LEU B 93 10.50 10.51 1.40
N SER B 94 10.78 10.35 0.06
CA SER B 94 11.77 11.23 -0.59
C SER B 94 11.23 12.65 -0.80
N THR B 95 12.09 13.67 -1.00
CA THR B 95 11.58 15.08 -1.15
C THR B 95 10.58 15.30 -2.33
N PRO B 96 10.88 14.83 -3.58
CA PRO B 96 9.93 14.97 -4.71
C PRO B 96 8.64 14.29 -4.33
N ALA B 97 8.74 13.18 -3.58
CA ALA B 97 7.55 12.44 -3.15
C ALA B 97 6.63 13.29 -2.25
N VAL B 98 7.19 13.96 -1.22
CA VAL B 98 6.36 14.77 -0.33
C VAL B 98 5.63 15.90 -1.08
N SER B 99 6.28 16.51 -2.04
CA SER B 99 5.63 17.58 -2.85
C SER B 99 4.48 17.02 -3.63
N CYS B 100 4.66 15.80 -4.15
CA CYS B 100 3.59 15.09 -4.89
C CYS B 100 2.40 14.76 -3.99
N ILE B 101 2.67 14.13 -2.87
CA ILE B 101 1.60 13.79 -1.92
C ILE B 101 0.85 15.07 -1.36
N ILE B 102 1.58 16.21 -1.06
CA ILE B 102 0.93 17.47 -0.55
C ILE B 102 0.00 18.03 -1.55
N ARG B 103 0.42 18.10 -2.83
CA ARG B 103 -0.45 18.63 -3.91
C ARG B 103 -1.58 17.63 -4.32
N LYS B 104 -1.32 16.32 -4.30
CA LYS B 104 -2.35 15.35 -4.64
C LYS B 104 -3.54 15.43 -3.64
N ILE B 105 -3.25 15.26 -2.35
CA ILE B 105 -4.29 15.28 -1.35
C ILE B 105 -4.63 16.71 -0.86
N LYS B 106 -3.87 17.74 -1.34
CA LYS B 106 -4.09 19.16 -0.93
C LYS B 106 -3.87 19.42 0.53
N ALA B 107 -2.73 18.96 1.07
CA ALA B 107 -2.45 19.19 2.47
C ALA B 107 -2.04 20.65 2.73
N ILE B 108 -2.14 21.08 3.99
CA ILE B 108 -1.81 22.46 4.35
C ILE B 108 -0.25 22.75 4.23
N GLY B 109 0.56 21.69 4.30
CA GLY B 109 1.99 21.81 4.22
C GLY B 109 2.64 20.44 4.47
N GLY B 110 3.94 20.39 4.68
CA GLY B 110 4.59 19.08 4.95
C GLY B 110 5.95 19.19 5.63
N ILE B 111 6.26 18.29 6.48
CA ILE B 111 7.51 18.33 7.12
C ILE B 111 8.49 17.26 6.56
N ILE B 112 9.58 17.75 5.93
CA ILE B 112 10.57 16.84 5.37
C ILE B 112 11.84 16.72 6.25
N LEU B 113 12.09 15.51 6.80
CA LEU B 113 13.30 15.22 7.63
C LEU B 113 14.51 14.67 6.78
N THR B 114 15.12 15.55 5.99
CA THR B 114 16.27 15.18 5.15
C THR B 114 17.38 16.15 5.34
N ALA B 115 18.64 15.76 5.22
CA ALA B 115 19.76 16.75 5.40
C ALA B 115 20.27 17.37 4.10
N SER B 116 19.42 17.52 3.09
CA SER B 116 19.87 18.05 1.79
C SER B 116 20.95 17.12 1.17
N HIS B 117 22.27 17.41 1.35
CA HIS B 117 23.30 16.52 0.77
C HIS B 117 24.41 16.06 1.75
N ASN B 118 24.53 16.67 2.93
CA ASN B 118 25.54 16.23 3.90
C ASN B 118 25.19 14.81 4.48
N PRO B 119 26.20 13.96 4.80
CA PRO B 119 25.99 12.59 5.38
C PRO B 119 25.08 12.54 6.65
N GLY B 120 24.52 11.37 6.95
CA GLY B 120 23.59 11.30 8.12
C GLY B 120 23.94 10.25 9.17
N GLY B 121 24.76 10.65 10.18
CA GLY B 121 25.21 9.73 11.23
C GLY B 121 25.09 10.32 12.65
N PRO B 122 25.62 9.62 13.67
CA PRO B 122 25.53 10.06 15.09
C PRO B 122 26.13 11.43 15.34
N ASN B 123 27.18 11.73 14.61
CA ASN B 123 27.87 13.02 14.75
C ASN B 123 27.67 13.90 13.51
N GLY B 124 27.06 13.31 12.44
CA GLY B 124 26.84 14.02 11.16
C GLY B 124 25.72 15.10 11.20
N ASP B 125 24.92 15.18 10.14
CA ASP B 125 23.94 16.27 10.05
C ASP B 125 22.49 15.84 10.16
N PHE B 126 21.60 16.76 10.60
CA PHE B 126 20.16 16.45 10.68
C PHE B 126 19.31 17.71 10.42
N GLY B 127 18.35 17.65 9.50
CA GLY B 127 17.56 18.86 9.20
C GLY B 127 16.01 18.73 9.26
N ILE B 128 15.33 19.89 9.42
CA ILE B 128 13.83 19.95 9.43
C ILE B 128 13.37 20.97 8.39
N LYS B 129 12.85 20.52 7.24
CA LYS B 129 12.38 21.49 6.22
C LYS B 129 10.85 21.52 6.18
N PHE B 130 10.27 22.69 6.03
CA PHE B 130 8.83 22.77 6.01
C PHE B 130 8.33 23.25 4.70
N ASN B 131 7.59 22.41 4.01
CA ASN B 131 6.98 22.80 2.73
C ASN B 131 5.60 23.34 2.97
N ILE B 132 5.11 24.23 2.14
CA ILE B 132 3.77 24.81 2.36
C ILE B 132 2.75 24.25 1.38
N SER B 133 1.47 24.71 1.50
CA SER B 133 0.32 24.22 0.70
C SER B 133 0.53 23.92 -0.76
N ASN B 134 1.27 24.71 -1.51
CA ASN B 134 1.50 24.37 -2.93
C ASN B 134 2.57 23.25 -3.13
N GLY B 135 3.09 22.64 -2.04
CA GLY B 135 4.08 21.57 -2.15
C GLY B 135 5.51 22.06 -2.27
N GLY B 136 5.71 23.36 -2.17
CA GLY B 136 7.07 23.91 -2.30
C GLY B 136 7.70 24.27 -0.96
N PRO B 137 8.97 24.64 -0.93
CA PRO B 137 9.65 25.01 0.32
C PRO B 137 9.16 26.35 0.79
N ALA B 138 8.81 26.50 2.09
CA ALA B 138 8.28 27.79 2.61
C ALA B 138 9.20 28.99 2.31
N PRO B 139 8.65 30.16 2.05
CA PRO B 139 9.43 31.35 1.73
C PRO B 139 9.65 32.28 2.92
N GLU B 140 10.46 33.38 2.66
CA GLU B 140 10.81 34.39 3.68
C GLU B 140 9.65 34.74 4.60
N ALA B 141 8.50 35.17 4.03
CA ALA B 141 7.31 35.54 4.85
C ALA B 141 6.92 34.49 5.92
N ILE B 142 7.08 33.20 5.58
CA ILE B 142 6.72 32.13 6.51
C ILE B 142 7.90 31.67 7.38
N THR B 143 9.16 31.67 6.85
CA THR B 143 10.34 31.25 7.70
C THR B 143 10.62 32.24 8.82
N ASP B 144 10.27 33.51 8.61
CA ASP B 144 10.45 34.53 9.63
C ASP B 144 9.43 34.33 10.75
N LYS B 145 8.14 34.07 10.40
CA LYS B 145 7.13 33.78 11.44
C LYS B 145 7.60 32.61 12.27
N ILE B 146 8.03 31.55 11.64
CA ILE B 146 8.55 30.40 12.39
C ILE B 146 9.68 30.85 13.35
N PHE B 147 10.66 31.62 12.85
CA PHE B 147 11.79 32.12 13.71
C PHE B 147 11.32 33.16 14.80
N GLN B 148 10.36 34.03 14.48
CA GLN B 148 9.89 34.98 15.44
C GLN B 148 9.20 34.23 16.62
N ILE B 149 8.50 33.10 16.31
CA ILE B 149 7.80 32.27 17.35
C ILE B 149 8.80 31.41 18.17
N SER B 150 9.75 30.78 17.47
CA SER B 150 10.75 29.92 18.11
C SER B 150 11.67 30.67 19.11
N LYS B 151 11.84 31.97 18.94
CA LYS B 151 12.64 32.72 19.87
C LYS B 151 11.78 33.34 21.01
N THR B 152 10.46 33.20 20.93
CA THR B 152 9.57 33.70 22.03
C THR B 152 8.67 32.57 22.61
N ILE B 153 9.00 31.30 22.32
CA ILE B 153 8.18 30.13 22.82
C ILE B 153 8.24 29.90 24.38
N GLU B 154 7.15 30.26 25.09
CA GLU B 154 7.11 30.07 26.55
C GLU B 154 6.56 28.72 26.95
N GLU B 155 5.43 28.34 26.34
CA GLU B 155 4.73 27.06 26.67
C GLU B 155 4.62 26.12 25.42
N TYR B 156 4.71 24.79 25.59
CA TYR B 156 4.53 23.88 24.40
C TYR B 156 3.64 22.68 24.68
N ALA B 157 2.61 22.52 23.83
CA ALA B 157 1.62 21.43 23.99
C ALA B 157 2.06 20.09 23.36
N ILE B 158 2.11 19.03 24.18
CA ILE B 158 2.50 17.72 23.67
C ILE B 158 1.61 16.55 24.18
N CYS B 159 1.56 15.47 23.41
CA CYS B 159 0.95 14.24 23.91
C CYS B 159 2.11 13.26 24.25
N PRO B 160 2.55 13.16 25.54
CA PRO B 160 3.67 12.28 25.93
C PRO B 160 3.40 10.83 25.68
N ASP B 161 2.14 10.40 25.93
CA ASP B 161 1.72 9.00 25.74
C ASP B 161 1.46 8.54 24.30
N LEU B 162 1.26 9.42 23.33
CA LEU B 162 0.93 8.97 21.95
C LEU B 162 2.04 8.07 21.26
N LYS B 163 1.78 6.76 21.10
CA LYS B 163 2.76 5.85 20.48
C LYS B 163 2.31 5.38 19.10
N VAL B 164 2.95 5.83 18.04
CA VAL B 164 2.51 5.44 16.71
C VAL B 164 3.36 4.29 16.01
N ASP B 165 2.71 3.20 15.54
CA ASP B 165 3.45 2.17 14.84
C ASP B 165 3.60 2.59 13.36
N LEU B 166 4.76 3.13 13.05
CA LEU B 166 5.05 3.68 11.72
C LEU B 166 5.28 2.66 10.60
N GLY B 167 5.54 1.42 10.92
CA GLY B 167 5.85 0.46 9.86
C GLY B 167 4.65 -0.24 9.27
N VAL B 168 3.48 -0.15 9.92
CA VAL B 168 2.31 -0.86 9.41
C VAL B 168 1.32 0.04 8.61
N LEU B 169 1.10 -0.27 7.30
CA LEU B 169 0.21 0.54 6.44
C LEU B 169 -1.23 0.72 6.97
N GLY B 170 -1.87 1.87 6.70
CA GLY B 170 -3.21 2.03 7.16
C GLY B 170 -3.39 3.15 8.15
N LYS B 171 -4.66 3.44 8.34
CA LYS B 171 -5.18 4.52 9.21
C LYS B 171 -5.23 4.15 10.71
N GLN B 172 -4.37 4.72 11.50
CA GLN B 172 -4.42 4.49 12.94
C GLN B 172 -5.16 5.65 13.63
N GLN B 173 -6.10 5.36 14.53
CA GLN B 173 -6.85 6.45 15.17
C GLN B 173 -6.62 6.54 16.66
N PHE B 174 -6.37 7.75 17.09
CA PHE B 174 -6.07 8.01 18.46
C PHE B 174 -7.08 8.96 19.08
N ASP B 175 -7.74 8.56 20.18
CA ASP B 175 -8.64 9.49 20.81
C ASP B 175 -7.96 10.18 21.99
N LEU B 176 -8.02 11.51 22.01
CA LEU B 176 -7.31 12.27 23.05
C LEU B 176 -8.24 12.79 24.15
N GLU B 177 -7.69 13.08 25.31
CA GLU B 177 -8.49 13.54 26.43
C GLU B 177 -9.12 14.91 26.23
N ASN B 178 -10.41 15.06 26.64
CA ASN B 178 -11.12 16.34 26.51
C ASN B 178 -11.43 16.76 25.04
N LYS B 179 -11.18 15.89 24.04
CA LYS B 179 -11.48 16.27 22.64
C LYS B 179 -12.55 15.36 21.97
N PHE B 180 -13.58 16.00 21.34
CA PHE B 180 -14.71 15.27 20.66
C PHE B 180 -14.34 14.60 19.28
N LYS B 181 -13.46 15.19 18.52
CA LYS B 181 -13.01 14.56 17.27
C LYS B 181 -11.68 13.88 17.56
N PRO B 182 -11.35 12.74 16.94
CA PRO B 182 -10.09 12.03 17.21
C PRO B 182 -8.88 12.43 16.34
N PHE B 183 -7.70 12.12 16.77
CA PHE B 183 -6.54 12.38 15.95
C PHE B 183 -6.34 11.20 14.95
N THR B 184 -6.06 11.50 13.66
CA THR B 184 -5.81 10.43 12.66
C THR B 184 -4.33 10.39 12.20
N VAL B 185 -3.76 9.20 12.13
CA VAL B 185 -2.39 9.01 11.58
C VAL B 185 -2.51 8.04 10.42
N GLU B 186 -2.25 8.46 9.23
CA GLU B 186 -2.43 7.58 8.10
C GLU B 186 -1.12 7.10 7.45
N ILE B 187 -0.68 5.84 7.66
CA ILE B 187 0.57 5.43 7.02
C ILE B 187 0.40 4.98 5.54
N VAL B 188 1.14 5.71 4.69
CA VAL B 188 1.08 5.56 3.25
C VAL B 188 2.29 4.81 2.67
N ASP B 189 2.13 4.17 1.49
CA ASP B 189 3.24 3.51 0.85
C ASP B 189 4.26 4.54 0.38
N SER B 190 5.55 4.34 0.63
CA SER B 190 6.55 5.32 0.20
C SER B 190 6.52 5.64 -1.28
N VAL B 191 6.55 4.65 -2.16
CA VAL B 191 6.59 4.97 -3.62
C VAL B 191 5.24 5.30 -4.28
N GLU B 192 4.25 4.49 -4.06
CA GLU B 192 2.90 4.65 -4.68
C GLU B 192 2.47 6.02 -5.30
N ALA B 193 2.01 7.01 -4.51
CA ALA B 193 1.56 8.30 -5.11
C ALA B 193 2.55 8.89 -6.01
N TYR B 194 3.85 8.75 -5.66
CA TYR B 194 4.90 9.28 -6.50
C TYR B 194 5.01 8.49 -7.83
N ALA B 195 4.90 7.10 -7.79
CA ALA B 195 4.96 6.27 -9.05
C ALA B 195 3.77 6.57 -9.95
N THR B 196 2.57 6.45 -9.40
CA THR B 196 1.35 6.81 -10.18
C THR B 196 1.51 8.19 -10.87
N MET B 197 2.22 9.14 -10.24
CA MET B 197 2.42 10.44 -10.87
C MET B 197 3.31 10.31 -12.13
N LEU B 198 4.44 9.54 -12.02
CA LEU B 198 5.33 9.35 -13.19
C LEU B 198 4.64 8.57 -14.24
N ARG B 199 3.78 7.64 -13.87
CA ARG B 199 3.02 6.85 -14.84
C ARG B 199 2.23 7.72 -15.82
N ASN B 200 1.79 8.92 -15.36
CA ASN B 200 1.09 9.88 -16.22
C ASN B 200 2.06 10.80 -16.97
N ILE B 201 3.25 10.97 -16.46
CA ILE B 201 4.17 11.85 -17.15
C ILE B 201 4.88 11.17 -18.29
N PHE B 202 5.38 9.97 -18.07
CA PHE B 202 6.14 9.28 -19.12
C PHE B 202 5.35 8.16 -19.77
N ASP B 203 5.94 7.51 -20.75
CA ASP B 203 5.28 6.38 -21.37
C ASP B 203 5.89 5.10 -20.79
N PHE B 204 5.31 4.55 -19.74
CA PHE B 204 5.93 3.34 -19.13
C PHE B 204 5.94 2.15 -20.07
N ASN B 205 5.01 2.09 -21.04
CA ASN B 205 5.00 0.98 -22.02
C ASN B 205 6.15 1.08 -23.00
N ALA B 206 6.38 2.28 -23.60
CA ALA B 206 7.54 2.47 -24.48
C ALA B 206 8.82 2.28 -23.68
N LEU B 207 8.79 2.53 -22.35
CA LEU B 207 9.97 2.33 -21.54
C LEU B 207 10.16 0.85 -21.10
N LYS B 208 9.13 -0.02 -21.28
CA LYS B 208 9.28 -1.46 -20.96
C LYS B 208 10.03 -2.22 -22.12
N GLU B 209 9.70 -1.94 -23.38
CA GLU B 209 10.43 -2.58 -24.49
C GLU B 209 11.89 -2.11 -24.55
N LEU B 210 12.10 -0.88 -24.08
CA LEU B 210 13.42 -0.22 -24.05
C LEU B 210 14.34 -0.85 -22.99
N LEU B 211 13.83 -1.12 -21.78
CA LEU B 211 14.68 -1.68 -20.71
C LEU B 211 14.70 -3.22 -20.56
N SER B 212 13.71 -3.94 -21.06
CA SER B 212 13.73 -5.40 -20.87
C SER B 212 13.30 -6.26 -22.08
N GLY B 213 13.16 -5.65 -23.27
CA GLY B 213 12.85 -6.45 -24.49
C GLY B 213 14.14 -7.09 -25.13
N PRO B 214 14.07 -7.66 -26.39
CA PRO B 214 15.26 -8.21 -27.13
C PRO B 214 16.32 -7.09 -27.40
N ASN B 215 15.88 -6.05 -28.08
CA ASN B 215 16.71 -4.88 -28.30
C ASN B 215 16.75 -4.03 -26.91
N ARG B 216 17.44 -4.59 -25.92
CA ARG B 216 17.46 -4.02 -24.58
C ARG B 216 18.64 -3.11 -24.25
N LEU B 217 18.30 -1.94 -23.71
CA LEU B 217 19.27 -0.95 -23.27
C LEU B 217 19.77 -1.33 -21.84
N LYS B 218 21.01 -1.79 -21.70
CA LYS B 218 21.54 -2.12 -20.38
C LYS B 218 21.82 -0.85 -19.59
N ILE B 219 21.19 -0.64 -18.46
CA ILE B 219 21.52 0.53 -17.66
C ILE B 219 22.34 0.17 -16.39
N ARG B 220 22.53 1.13 -15.52
CA ARG B 220 23.23 0.93 -14.25
C ARG B 220 22.98 2.21 -13.42
N ILE B 221 22.02 2.14 -12.50
CA ILE B 221 21.68 3.30 -11.69
C ILE B 221 22.05 3.16 -10.26
N ASP B 222 22.97 3.97 -9.81
CA ASP B 222 23.41 3.92 -8.41
C ASP B 222 22.60 4.88 -7.51
N ALA B 223 21.84 4.34 -6.55
CA ALA B 223 21.01 5.20 -5.65
C ALA B 223 21.81 5.85 -4.53
N MET B 224 23.09 5.58 -4.50
CA MET B 224 23.99 6.19 -3.47
C MET B 224 23.55 6.01 -1.97
N HIS B 225 22.87 4.89 -1.69
CA HIS B 225 22.42 4.55 -0.33
C HIS B 225 21.43 5.48 0.23
N GLY B 226 20.78 6.29 -0.58
CA GLY B 226 19.82 7.25 -0.02
C GLY B 226 18.32 6.88 -0.22
N VAL B 227 17.41 7.75 0.23
CA VAL B 227 16.00 7.49 0.10
C VAL B 227 15.52 7.16 -1.34
N VAL B 228 16.25 7.57 -2.39
CA VAL B 228 15.78 7.27 -3.77
C VAL B 228 15.94 5.76 -4.15
N GLY B 229 16.62 4.97 -3.29
CA GLY B 229 16.78 3.52 -3.56
C GLY B 229 15.43 2.74 -3.72
N PRO B 230 14.53 2.76 -2.69
CA PRO B 230 13.18 2.14 -2.75
C PRO B 230 12.38 2.56 -4.03
N TYR B 231 12.56 3.80 -4.50
CA TYR B 231 11.84 4.28 -5.64
C TYR B 231 12.41 3.74 -6.91
N VAL B 232 13.75 3.56 -6.96
CA VAL B 232 14.43 2.99 -8.18
C VAL B 232 14.11 1.48 -8.36
N LYS B 233 14.10 0.73 -7.26
CA LYS B 233 13.73 -0.68 -7.32
C LYS B 233 12.24 -0.87 -7.73
N LYS B 234 11.33 -0.12 -7.13
CA LYS B 234 9.92 -0.29 -7.50
C LYS B 234 9.56 0.20 -8.90
N ILE B 235 10.04 1.37 -9.32
CA ILE B 235 9.68 1.89 -10.66
C ILE B 235 10.56 1.31 -11.74
N LEU B 236 11.87 1.45 -11.61
CA LEU B 236 12.76 0.93 -12.63
C LEU B 236 12.88 -0.57 -12.64
N CYS B 237 13.10 -1.21 -11.50
CA CYS B 237 13.28 -2.67 -11.54
C CYS B 237 11.99 -3.49 -11.54
N GLU B 238 11.05 -3.17 -10.67
CA GLU B 238 9.80 -3.93 -10.64
C GLU B 238 8.85 -3.63 -11.79
N GLU B 239 8.34 -2.40 -11.86
CA GLU B 239 7.33 -2.07 -12.89
C GLU B 239 7.85 -1.92 -14.39
N LEU B 240 9.03 -1.38 -14.61
CA LEU B 240 9.53 -1.23 -15.97
C LEU B 240 10.25 -2.49 -16.46
N GLY B 241 10.61 -3.34 -15.53
CA GLY B 241 11.22 -4.58 -15.92
C GLY B 241 12.73 -4.66 -15.87
N ALA B 242 13.49 -3.57 -15.59
CA ALA B 242 14.98 -3.69 -15.57
C ALA B 242 15.49 -4.75 -14.56
N PRO B 243 16.45 -5.63 -14.93
CA PRO B 243 17.00 -6.64 -14.03
C PRO B 243 17.36 -6.06 -12.67
N ALA B 244 17.03 -6.76 -11.59
CA ALA B 244 17.32 -6.28 -10.27
C ALA B 244 18.78 -5.93 -10.07
N ASN B 245 19.70 -6.59 -10.78
CA ASN B 245 21.14 -6.27 -10.60
C ASN B 245 21.55 -4.88 -11.18
N SER B 246 20.62 -4.12 -11.78
CA SER B 246 20.98 -2.81 -12.32
C SER B 246 20.82 -1.75 -11.30
N ALA B 247 19.87 -1.89 -10.43
CA ALA B 247 19.68 -0.89 -9.39
C ALA B 247 20.59 -1.16 -8.19
N VAL B 248 21.80 -0.61 -8.21
CA VAL B 248 22.75 -0.88 -7.14
C VAL B 248 22.73 0.16 -5.96
N ASN B 249 23.09 -0.31 -4.71
CA ASN B 249 23.05 0.53 -3.49
C ASN B 249 21.68 1.13 -3.19
N CYS B 250 20.60 0.46 -3.62
CA CYS B 250 19.24 1.00 -3.43
C CYS B 250 18.62 0.81 -2.06
N VAL B 251 19.45 0.54 -1.03
CA VAL B 251 18.90 0.38 0.30
C VAL B 251 19.35 1.50 1.18
N PRO B 252 18.44 2.44 1.54
CA PRO B 252 18.74 3.60 2.42
C PRO B 252 19.41 3.14 3.71
N LEU B 253 20.72 3.19 3.75
CA LEU B 253 21.39 2.77 4.94
C LEU B 253 21.45 3.88 5.98
N GLU B 254 21.29 3.47 7.25
CA GLU B 254 21.31 4.40 8.40
C GLU B 254 22.42 5.50 8.33
N ASP B 255 23.59 5.11 7.86
CA ASP B 255 24.68 6.05 7.75
C ASP B 255 24.83 6.68 6.33
N PHE B 256 24.32 5.96 5.26
CA PHE B 256 24.48 6.36 3.80
C PHE B 256 25.76 5.82 3.20
N GLY B 257 26.43 4.95 3.95
CA GLY B 257 27.69 4.40 3.47
C GLY B 257 28.84 5.42 3.60
N GLY B 258 28.78 6.26 4.68
CA GLY B 258 29.83 7.26 4.98
C GLY B 258 29.89 8.47 4.03
N HIS B 259 30.04 8.22 2.71
CA HIS B 259 30.19 9.30 1.74
C HIS B 259 28.91 10.06 1.44
N HIS B 260 29.05 11.31 0.99
CA HIS B 260 27.89 12.15 0.70
C HIS B 260 27.23 11.72 -0.60
N PRO B 261 25.92 11.56 -0.65
CA PRO B 261 25.21 11.17 -1.88
C PRO B 261 25.09 12.40 -2.77
N ASP B 262 26.14 12.70 -3.49
CA ASP B 262 26.14 13.88 -4.33
C ASP B 262 26.68 13.55 -5.74
N PRO B 263 25.94 13.93 -6.79
CA PRO B 263 26.36 13.70 -8.19
C PRO B 263 27.70 14.41 -8.57
N ASN B 264 28.82 13.87 -8.17
CA ASN B 264 30.13 14.45 -8.56
C ASN B 264 31.03 13.29 -9.01
N LEU B 265 31.56 13.27 -10.26
CA LEU B 265 32.45 12.09 -10.76
C LEU B 265 33.24 11.35 -9.65
N THR B 266 33.92 12.09 -8.77
CA THR B 266 34.65 11.48 -7.64
C THR B 266 33.68 10.87 -6.60
N TYR B 267 32.65 11.59 -6.18
CA TYR B 267 31.68 11.03 -5.22
C TYR B 267 30.99 9.81 -5.78
N ALA B 268 30.79 9.80 -7.10
CA ALA B 268 30.19 8.66 -7.78
C ALA B 268 31.26 7.79 -8.53
N ALA B 269 32.48 7.68 -7.97
CA ALA B 269 33.56 6.93 -8.60
C ALA B 269 33.19 5.49 -8.93
N ASP B 270 32.48 4.76 -8.05
CA ASP B 270 32.09 3.37 -8.42
C ASP B 270 31.30 3.35 -9.75
N LEU B 271 30.34 4.27 -9.88
CA LEU B 271 29.55 4.36 -11.08
C LEU B 271 30.45 4.65 -12.30
N VAL B 272 31.38 5.56 -12.15
CA VAL B 272 32.26 5.88 -13.25
C VAL B 272 33.16 4.73 -13.62
N GLU B 273 33.65 3.95 -12.65
CA GLU B 273 34.49 2.81 -13.00
C GLU B 273 33.68 1.73 -13.68
N THR B 274 32.51 1.34 -13.14
CA THR B 274 31.76 0.27 -13.79
C THR B 274 31.25 0.65 -15.16
N MET B 275 31.17 1.94 -15.50
CA MET B 275 30.68 2.32 -16.86
C MET B 275 31.82 2.48 -17.87
N LYS B 276 33.08 2.43 -17.42
CA LYS B 276 34.22 2.60 -18.34
C LYS B 276 34.55 1.33 -19.15
N SER B 277 34.30 0.15 -18.52
CA SER B 277 34.55 -1.15 -19.16
C SER B 277 33.89 -1.36 -20.57
N GLY B 278 32.74 -0.72 -20.86
CA GLY B 278 32.16 -0.84 -22.20
C GLY B 278 30.74 -1.37 -22.26
N GLU B 279 30.40 -2.44 -21.49
CA GLU B 279 29.02 -3.08 -21.51
C GLU B 279 27.74 -2.17 -21.36
N HIS B 280 27.69 -1.34 -20.26
CA HIS B 280 26.46 -0.49 -19.97
C HIS B 280 26.22 0.66 -20.95
N ASP B 281 24.93 0.98 -21.21
CA ASP B 281 24.56 2.08 -22.18
C ASP B 281 24.10 3.41 -21.54
N PHE B 282 23.72 3.35 -20.28
CA PHE B 282 23.28 4.53 -19.55
C PHE B 282 23.55 4.35 -18.06
N GLY B 283 24.10 5.36 -17.38
CA GLY B 283 24.35 5.25 -15.96
C GLY B 283 23.85 6.51 -15.23
N ALA B 284 23.64 6.42 -13.91
CA ALA B 284 23.17 7.57 -13.15
C ALA B 284 23.53 7.51 -11.66
N ALA B 285 24.02 8.63 -11.07
CA ALA B 285 24.28 8.69 -9.60
C ALA B 285 23.27 9.62 -8.89
N PHE B 286 22.98 9.40 -7.60
CA PHE B 286 21.91 10.22 -6.92
C PHE B 286 22.28 10.91 -5.56
N ASP B 287 21.27 11.52 -4.92
CA ASP B 287 21.48 12.19 -3.65
C ASP B 287 20.46 11.77 -2.59
N GLY B 288 20.82 11.91 -1.27
CA GLY B 288 19.94 11.45 -0.15
C GLY B 288 18.72 12.34 0.10
N ASP B 289 18.08 12.76 -0.97
CA ASP B 289 16.92 13.61 -0.91
C ASP B 289 16.00 13.33 -2.14
N GLY B 290 16.63 13.04 -3.27
CA GLY B 290 15.88 12.76 -4.49
C GLY B 290 15.75 14.01 -5.39
N ASP B 291 16.58 15.06 -5.15
CA ASP B 291 16.47 16.30 -5.96
C ASP B 291 17.55 16.51 -7.10
N ARG B 292 18.73 15.92 -6.99
CA ARG B 292 19.74 16.06 -8.04
C ARG B 292 20.05 14.70 -8.76
N ASN B 293 20.92 14.72 -9.82
CA ASN B 293 21.31 13.47 -10.60
C ASN B 293 22.66 13.63 -11.45
N MET B 294 23.45 12.53 -11.71
CA MET B 294 24.68 12.67 -12.60
C MET B 294 24.59 11.69 -13.80
N ILE B 295 24.11 12.16 -14.94
CA ILE B 295 23.91 11.27 -16.11
C ILE B 295 25.20 10.88 -16.84
N LEU B 296 25.38 9.60 -17.18
CA LEU B 296 26.61 9.17 -17.86
C LEU B 296 26.32 8.26 -19.04
N GLY B 297 27.15 8.24 -20.04
CA GLY B 297 26.87 7.41 -21.23
C GLY B 297 27.87 6.24 -21.45
N LYS B 298 27.78 5.56 -22.58
CA LYS B 298 28.69 4.43 -22.83
C LYS B 298 30.15 4.76 -22.56
N HIS B 299 30.94 3.77 -22.06
CA HIS B 299 32.43 3.97 -21.78
C HIS B 299 32.75 5.07 -20.76
N GLY B 300 31.74 5.65 -20.09
CA GLY B 300 32.04 6.73 -19.11
C GLY B 300 31.82 8.14 -19.66
N PHE B 301 31.13 8.28 -20.83
CA PHE B 301 30.83 9.63 -21.46
C PHE B 301 30.05 10.50 -20.52
N PHE B 302 30.60 11.61 -20.13
CA PHE B 302 29.94 12.45 -19.16
C PHE B 302 28.97 13.42 -19.78
N VAL B 303 27.74 13.50 -19.27
CA VAL B 303 26.82 14.52 -19.76
C VAL B 303 26.80 15.71 -18.76
N ASN B 304 27.17 16.88 -19.22
CA ASN B 304 27.17 18.07 -18.40
C ASN B 304 25.73 18.45 -17.96
N PRO B 305 25.47 18.75 -16.62
CA PRO B 305 24.14 19.15 -16.10
C PRO B 305 23.52 20.27 -16.92
N SER B 306 24.35 21.22 -17.31
CA SER B 306 23.89 22.34 -18.14
C SER B 306 23.44 21.92 -19.56
N ASP B 307 24.16 20.95 -20.20
CA ASP B 307 23.78 20.43 -21.53
C ASP B 307 22.47 19.54 -21.43
N SER B 308 22.34 18.83 -20.30
CA SER B 308 21.21 17.94 -20.03
C SER B 308 19.92 18.65 -20.23
N VAL B 309 19.75 19.79 -19.62
CA VAL B 309 18.50 20.50 -19.76
C VAL B 309 18.28 21.02 -21.20
N ALA B 310 19.34 21.25 -21.97
CA ALA B 310 19.14 21.68 -23.34
C ALA B 310 18.86 20.48 -24.25
N VAL B 311 19.26 19.21 -23.82
CA VAL B 311 18.91 17.99 -24.62
C VAL B 311 17.45 17.60 -24.36
N ILE B 312 17.01 17.63 -23.12
CA ILE B 312 15.62 17.33 -22.81
C ILE B 312 14.68 18.34 -23.47
N ALA B 313 15.08 19.65 -23.50
CA ALA B 313 14.27 20.76 -24.16
C ALA B 313 14.16 20.63 -25.67
N ALA B 314 15.21 20.25 -26.33
CA ALA B 314 15.15 20.06 -27.77
C ALA B 314 14.41 18.72 -28.14
N ASN B 315 14.23 17.81 -27.19
CA ASN B 315 13.49 16.58 -27.48
C ASN B 315 12.29 16.44 -26.47
N ILE B 316 11.74 17.59 -26.04
CA ILE B 316 10.69 17.65 -25.03
C ILE B 316 9.32 17.11 -25.46
N PHE B 317 8.95 17.13 -26.72
CA PHE B 317 7.65 16.55 -27.12
C PHE B 317 7.71 15.00 -27.34
N SER B 318 8.54 14.37 -26.54
CA SER B 318 8.71 12.95 -26.53
C SER B 318 8.10 12.46 -25.22
N ILE B 319 8.21 13.27 -24.22
CA ILE B 319 7.60 12.99 -22.93
C ILE B 319 6.09 13.34 -23.06
N PRO B 320 5.16 12.37 -23.02
CA PRO B 320 3.74 12.63 -23.16
C PRO B 320 3.25 13.82 -22.34
N TYR B 321 3.70 13.99 -21.10
CA TYR B 321 3.26 15.13 -20.25
C TYR B 321 3.25 16.46 -21.03
N PHE B 322 4.33 16.65 -21.82
CA PHE B 322 4.51 17.86 -22.62
C PHE B 322 3.68 17.89 -23.90
N GLN B 323 3.53 16.75 -24.54
CA GLN B 323 2.64 16.64 -25.73
C GLN B 323 1.18 17.02 -25.36
N GLN B 324 0.73 16.55 -24.17
CA GLN B 324 -0.64 16.77 -23.73
C GLN B 324 -0.91 18.12 -23.06
N THR B 325 0.04 18.69 -22.31
CA THR B 325 -0.25 20.00 -21.68
C THR B 325 0.54 21.23 -22.28
N GLY B 326 1.45 21.01 -23.23
CA GLY B 326 2.18 22.15 -23.81
C GLY B 326 3.35 22.66 -22.92
N VAL B 327 4.23 23.47 -23.53
CA VAL B 327 5.38 24.03 -22.83
C VAL B 327 5.12 25.50 -22.58
N ARG B 328 4.73 25.87 -21.36
CA ARG B 328 4.42 27.28 -21.07
C ARG B 328 5.65 28.14 -20.94
N GLY B 329 6.82 27.54 -20.67
CA GLY B 329 8.04 28.34 -20.57
C GLY B 329 9.34 27.56 -20.25
N PHE B 330 10.48 28.11 -20.64
CA PHE B 330 11.76 27.54 -20.26
C PHE B 330 12.45 28.43 -19.24
N ALA B 331 13.36 27.88 -18.39
CA ALA B 331 14.08 28.72 -17.42
C ALA B 331 15.31 28.12 -16.91
N ARG B 332 16.34 28.93 -16.77
CA ARG B 332 17.62 28.46 -16.14
C ARG B 332 18.11 29.46 -15.11
N SER B 333 18.98 29.04 -14.21
CA SER B 333 19.58 30.03 -13.30
C SER B 333 20.65 30.83 -14.06
N MET B 334 21.06 31.93 -13.52
CA MET B 334 22.06 32.79 -14.17
C MET B 334 23.48 32.07 -14.46
N PRO B 335 24.07 31.28 -13.49
CA PRO B 335 25.35 30.58 -13.69
C PRO B 335 25.28 29.41 -14.61
N THR B 336 24.11 28.92 -14.89
CA THR B 336 23.95 27.77 -15.81
C THR B 336 24.35 28.18 -17.23
N SER B 337 24.95 27.31 -17.99
CA SER B 337 25.35 27.68 -19.35
C SER B 337 24.20 28.11 -20.24
N GLY B 338 24.56 28.85 -21.26
CA GLY B 338 23.60 29.37 -22.18
C GLY B 338 23.12 28.36 -23.20
N ALA B 339 23.31 27.02 -22.93
CA ALA B 339 22.89 25.98 -23.88
C ALA B 339 21.38 25.88 -24.05
N LEU B 340 20.63 26.17 -22.97
CA LEU B 340 19.18 26.18 -23.00
C LEU B 340 18.70 27.35 -23.86
N ASP B 341 19.48 28.47 -23.85
CA ASP B 341 19.14 29.66 -24.69
C ASP B 341 19.13 29.32 -26.20
N ARG B 342 20.17 28.62 -26.69
CA ARG B 342 20.21 28.22 -28.12
C ARG B 342 18.95 27.42 -28.55
N VAL B 343 18.39 26.59 -27.61
CA VAL B 343 17.17 25.84 -27.88
C VAL B 343 15.93 26.73 -27.79
N ALA B 344 15.74 27.40 -26.66
CA ALA B 344 14.56 28.28 -26.52
C ALA B 344 14.54 29.40 -27.58
N ASN B 345 15.69 29.86 -28.04
CA ASN B 345 15.68 30.88 -29.00
C ASN B 345 15.28 30.38 -30.35
N ALA B 346 15.83 29.23 -30.79
CA ALA B 346 15.43 28.66 -32.12
C ALA B 346 13.98 28.15 -32.11
N THR B 347 13.63 27.37 -31.11
CA THR B 347 12.26 26.87 -30.97
C THR B 347 11.46 27.88 -30.16
N LYS B 348 11.55 29.13 -30.65
CA LYS B 348 10.97 30.33 -30.05
C LYS B 348 9.89 30.25 -28.88
N ILE B 349 10.37 29.98 -27.64
CA ILE B 349 9.49 29.94 -26.43
C ILE B 349 10.17 30.76 -25.29
N ALA B 350 9.39 31.54 -24.49
CA ALA B 350 9.96 32.40 -23.41
C ALA B 350 11.04 31.73 -22.49
N LEU B 351 12.21 32.33 -22.44
CA LEU B 351 13.31 31.84 -21.61
C LEU B 351 13.43 32.75 -20.39
N TYR B 352 13.65 32.23 -19.23
CA TYR B 352 13.75 33.04 -18.07
C TYR B 352 15.02 32.82 -17.41
N GLU B 353 15.77 33.84 -17.15
CA GLU B 353 17.07 33.69 -16.41
C GLU B 353 16.85 34.13 -14.98
N THR B 354 17.12 33.27 -14.01
CA THR B 354 16.85 33.65 -12.60
C THR B 354 18.04 33.42 -11.68
N PRO B 355 18.03 33.98 -10.46
CA PRO B 355 19.12 33.79 -9.49
C PRO B 355 19.22 32.32 -9.01
N THR B 356 20.38 31.88 -8.49
CA THR B 356 20.50 30.50 -7.97
C THR B 356 19.43 30.26 -6.88
N GLY B 357 18.55 29.23 -7.06
CA GLY B 357 17.55 28.95 -6.01
C GLY B 357 16.19 28.45 -6.57
N TRP B 358 15.79 27.22 -6.22
CA TRP B 358 14.52 26.69 -6.73
C TRP B 358 13.31 27.64 -6.52
N LYS B 359 13.31 28.37 -5.43
CA LYS B 359 12.24 29.32 -5.09
C LYS B 359 11.80 30.22 -6.27
N PHE B 360 12.76 30.57 -7.16
CA PHE B 360 12.45 31.41 -8.31
C PHE B 360 11.81 30.61 -9.41
N PHE B 361 12.19 29.34 -9.59
CA PHE B 361 11.50 28.47 -10.60
C PHE B 361 10.04 28.25 -10.21
N GLY B 362 9.81 27.95 -8.91
CA GLY B 362 8.47 27.75 -8.40
C GLY B 362 7.54 28.91 -8.70
N ASN B 363 7.97 30.15 -8.50
CA ASN B 363 7.07 31.31 -8.81
C ASN B 363 6.60 31.29 -10.25
N LEU B 364 7.50 31.15 -11.16
CA LEU B 364 7.13 31.08 -12.53
C LEU B 364 6.21 29.85 -12.77
N MET B 365 6.36 28.74 -11.97
CA MET B 365 5.52 27.53 -12.14
C MET B 365 4.16 27.71 -11.54
N ASP B 366 4.04 28.60 -10.50
CA ASP B 366 2.73 28.89 -9.88
C ASP B 366 1.91 29.89 -10.73
N ALA B 367 2.62 30.78 -11.46
CA ALA B 367 1.96 31.73 -12.39
C ALA B 367 1.81 31.08 -13.79
N SER B 368 1.97 29.76 -13.84
CA SER B 368 1.86 28.97 -15.10
C SER B 368 2.73 29.44 -16.26
N LYS B 369 3.83 30.07 -16.00
CA LYS B 369 4.70 30.56 -17.11
C LYS B 369 5.98 29.74 -17.27
N LEU B 370 6.08 28.61 -16.56
CA LEU B 370 7.28 27.81 -16.64
C LEU B 370 7.02 26.33 -16.69
N SER B 371 7.52 25.69 -17.71
CA SER B 371 7.36 24.24 -17.87
C SER B 371 8.59 23.45 -17.53
N LEU B 372 9.74 23.75 -18.19
CA LEU B 372 10.99 22.99 -17.95
C LEU B 372 12.10 23.87 -17.36
N CYS B 373 12.69 23.50 -16.20
CA CYS B 373 13.78 24.32 -15.65
C CYS B 373 15.12 23.54 -15.48
N GLY B 374 16.27 24.23 -15.69
CA GLY B 374 17.56 23.57 -15.57
C GLY B 374 18.55 24.33 -14.73
N GLU B 375 19.36 23.63 -13.98
CA GLU B 375 20.33 24.27 -13.13
C GLU B 375 21.70 23.52 -13.13
N GLU B 376 22.82 24.26 -13.37
CA GLU B 376 24.16 23.67 -13.43
C GLU B 376 24.54 22.79 -12.29
N SER B 377 23.94 23.02 -11.10
CA SER B 377 24.23 22.15 -9.90
C SER B 377 23.49 20.83 -9.95
N PHE B 378 23.78 20.04 -11.01
CA PHE B 378 23.16 18.70 -11.24
C PHE B 378 21.65 18.66 -11.01
N GLY B 379 20.91 19.48 -11.68
CA GLY B 379 19.50 19.46 -11.48
C GLY B 379 18.70 19.77 -12.73
N THR B 380 17.53 19.17 -12.85
CA THR B 380 16.58 19.45 -13.96
C THR B 380 15.20 19.14 -13.44
N GLY B 381 14.26 20.05 -13.58
CA GLY B 381 12.91 19.80 -13.03
C GLY B 381 11.79 20.38 -13.91
N SER B 382 10.54 20.31 -13.44
CA SER B 382 9.42 20.84 -14.22
C SER B 382 8.25 21.14 -13.35
N ASP B 383 7.12 21.62 -13.91
CA ASP B 383 5.97 21.88 -13.05
C ASP B 383 5.19 20.60 -12.61
N HIS B 384 5.75 19.38 -12.78
CA HIS B 384 5.05 18.19 -12.32
C HIS B 384 4.86 18.16 -10.82
N ILE B 385 5.83 18.75 -10.11
CA ILE B 385 5.75 18.93 -8.65
C ILE B 385 6.15 20.37 -8.37
N ARG B 386 6.55 20.70 -7.12
CA ARG B 386 7.04 22.04 -6.83
C ARG B 386 8.39 22.00 -6.12
N GLU B 387 9.19 21.00 -6.49
CA GLU B 387 10.50 20.79 -5.93
C GLU B 387 11.42 20.15 -6.99
N LYS B 388 12.64 19.79 -6.65
CA LYS B 388 13.54 19.16 -7.62
C LYS B 388 13.33 17.67 -7.67
N ASP B 389 13.47 17.06 -8.86
CA ASP B 389 13.28 15.59 -8.97
C ASP B 389 14.38 14.92 -9.73
N GLY B 390 15.27 14.21 -9.01
CA GLY B 390 16.43 13.48 -9.64
C GLY B 390 16.01 12.27 -10.53
N LEU B 391 14.98 11.52 -10.13
CA LEU B 391 14.52 10.36 -10.95
C LEU B 391 13.69 10.80 -12.19
N TRP B 392 12.87 11.87 -12.08
CA TRP B 392 12.16 12.41 -13.27
C TRP B 392 13.19 12.72 -14.35
N ALA B 393 14.28 13.42 -13.99
CA ALA B 393 15.36 13.69 -14.97
C ALA B 393 15.84 12.38 -15.65
N VAL B 394 16.23 11.34 -14.86
CA VAL B 394 16.64 10.04 -15.45
C VAL B 394 15.56 9.49 -16.40
N LEU B 395 14.28 9.61 -15.96
CA LEU B 395 13.14 9.14 -16.75
C LEU B 395 12.93 9.95 -18.04
N ALA B 396 13.26 11.23 -18.01
CA ALA B 396 13.17 12.03 -19.21
C ALA B 396 14.35 11.67 -20.15
N TRP B 397 15.48 11.23 -19.57
CA TRP B 397 16.60 10.81 -20.39
C TRP B 397 16.32 9.52 -21.09
N LEU B 398 15.89 8.46 -20.35
CA LEU B 398 15.52 7.15 -21.00
C LEU B 398 14.45 7.36 -22.03
N SER B 399 13.47 8.30 -21.80
CA SER B 399 12.42 8.55 -22.79
C SER B 399 13.02 8.99 -24.08
N ILE B 400 13.92 10.01 -24.04
CA ILE B 400 14.65 10.51 -25.27
C ILE B 400 15.51 9.40 -25.96
N LEU B 401 16.12 8.49 -25.19
CA LEU B 401 16.86 7.34 -25.81
C LEU B 401 15.91 6.41 -26.65
N ALA B 402 14.76 6.08 -26.10
CA ALA B 402 13.75 5.22 -26.77
C ALA B 402 13.17 5.83 -28.02
N THR B 403 12.94 7.10 -27.94
CA THR B 403 12.42 7.86 -29.06
C THR B 403 13.45 8.07 -30.17
N ARG B 404 14.66 8.46 -29.84
CA ARG B 404 15.67 8.77 -30.88
C ARG B 404 16.42 7.57 -31.40
N LYS B 405 16.36 6.47 -30.68
CA LYS B 405 17.06 5.26 -31.09
C LYS B 405 18.54 5.49 -31.42
N GLN B 406 19.20 6.32 -30.53
CA GLN B 406 20.64 6.67 -30.64
C GLN B 406 21.30 6.50 -29.29
N SER B 407 22.61 6.59 -29.21
CA SER B 407 23.32 6.49 -27.92
C SER B 407 23.40 7.84 -27.28
N VAL B 408 23.63 7.92 -25.95
CA VAL B 408 23.80 9.26 -25.30
C VAL B 408 24.80 10.11 -26.10
N GLU B 409 25.95 9.49 -26.46
CA GLU B 409 27.02 10.18 -27.24
C GLU B 409 26.52 10.89 -28.50
N ASP B 410 25.74 10.16 -29.32
CA ASP B 410 25.22 10.72 -30.58
C ASP B 410 24.14 11.75 -30.41
N ILE B 411 23.29 11.64 -29.41
CA ILE B 411 22.27 12.69 -29.22
C ILE B 411 22.93 14.04 -28.79
N LEU B 412 24.02 13.98 -27.98
CA LEU B 412 24.77 15.21 -27.62
C LEU B 412 25.66 15.63 -28.78
N LYS B 413 26.32 14.68 -29.44
CA LYS B 413 27.12 15.01 -30.60
C LYS B 413 26.30 15.72 -31.66
N ASP B 414 25.18 15.14 -32.13
CA ASP B 414 24.36 15.84 -33.16
C ASP B 414 23.61 17.07 -32.60
N HIS B 415 23.40 17.16 -31.29
CA HIS B 415 22.86 18.40 -30.74
C HIS B 415 23.90 19.50 -30.90
N TRP B 416 25.19 19.21 -30.53
CA TRP B 416 26.26 20.21 -30.63
C TRP B 416 26.43 20.65 -32.09
N HIS B 417 26.26 19.69 -32.99
CA HIS B 417 26.33 19.91 -34.43
C HIS B 417 25.18 20.82 -34.96
N LYS B 418 24.04 20.88 -34.27
CA LYS B 418 22.90 21.67 -34.75
C LYS B 418 22.66 22.98 -33.92
N PHE B 419 23.16 23.02 -32.73
CA PHE B 419 22.99 24.21 -31.89
C PHE B 419 24.36 24.78 -31.40
N GLY B 420 25.44 24.04 -31.62
CA GLY B 420 26.72 24.49 -31.16
C GLY B 420 26.99 23.98 -29.78
N ARG B 421 28.26 24.13 -29.28
CA ARG B 421 28.58 23.62 -27.94
C ARG B 421 28.91 24.69 -26.95
N ASN B 422 28.24 24.68 -25.83
CA ASN B 422 28.56 25.63 -24.78
C ASN B 422 29.49 24.99 -23.78
N PHE B 423 30.82 25.05 -24.05
CA PHE B 423 31.79 24.49 -23.12
C PHE B 423 31.58 25.12 -21.80
N PHE B 424 31.39 24.33 -20.78
CA PHE B 424 31.13 24.89 -19.47
C PHE B 424 31.99 24.27 -18.45
N THR B 425 32.27 25.02 -17.40
CA THR B 425 33.01 24.50 -16.24
C THR B 425 32.79 25.35 -15.04
N ARG B 426 32.90 24.76 -13.87
CA ARG B 426 32.70 25.50 -12.62
C ARG B 426 33.81 25.27 -11.62
N TYR B 427 34.60 26.30 -11.40
CA TYR B 427 35.66 26.23 -10.43
C TYR B 427 35.13 26.67 -9.08
N ASP B 428 35.44 25.92 -8.02
CA ASP B 428 35.01 26.29 -6.64
C ASP B 428 36.16 26.54 -5.74
N TYR B 429 36.08 27.58 -4.98
CA TYR B 429 37.14 27.85 -4.01
C TYR B 429 36.54 27.69 -2.64
N GLU B 430 36.84 26.56 -1.97
CA GLU B 430 36.18 26.22 -0.70
C GLU B 430 36.47 27.12 0.51
N GLU B 431 37.44 26.82 1.30
CA GLU B 431 37.68 27.65 2.47
C GLU B 431 38.46 28.94 2.15
N VAL B 432 37.79 29.94 1.65
CA VAL B 432 38.48 31.18 1.37
C VAL B 432 38.34 32.20 2.55
N GLU B 433 39.34 33.12 2.67
CA GLU B 433 39.32 34.18 3.72
C GLU B 433 38.12 35.16 3.47
N ALA B 434 37.10 35.12 4.35
CA ALA B 434 35.83 35.91 4.14
C ALA B 434 35.95 37.42 3.66
N GLU B 435 36.92 38.15 4.16
CA GLU B 435 37.08 39.56 3.75
C GLU B 435 37.93 39.71 2.45
N GLY B 436 39.05 38.97 2.35
CA GLY B 436 39.90 39.05 1.11
C GLY B 436 39.13 38.67 -0.20
N ALA B 437 38.14 37.77 -0.09
CA ALA B 437 37.30 37.41 -1.24
C ALA B 437 36.27 38.51 -1.51
N THR B 438 35.70 39.07 -0.43
CA THR B 438 34.76 40.16 -0.57
C THR B 438 35.43 41.38 -1.23
N LYS B 439 36.64 41.76 -0.81
CA LYS B 439 37.30 42.89 -1.44
C LYS B 439 37.69 42.56 -2.85
N MET B 440 37.83 41.21 -3.16
CA MET B 440 38.11 40.77 -4.55
C MET B 440 36.90 41.09 -5.48
N MET B 441 35.69 40.72 -5.04
CA MET B 441 34.45 41.02 -5.80
C MET B 441 34.20 42.54 -5.95
N LYS B 442 34.43 43.30 -4.89
CA LYS B 442 34.19 44.74 -4.96
C LYS B 442 35.11 45.42 -5.95
N ASP B 443 36.42 45.14 -5.92
CA ASP B 443 37.34 45.79 -6.91
C ASP B 443 37.01 45.34 -8.31
N LEU B 444 36.56 44.07 -8.46
CA LEU B 444 36.10 43.57 -9.78
C LEU B 444 34.82 44.35 -10.24
N GLU B 445 33.90 44.56 -9.29
CA GLU B 445 32.68 45.32 -9.58
C GLU B 445 33.01 46.78 -10.07
N ALA B 446 33.91 47.48 -9.32
CA ALA B 446 34.39 48.83 -9.75
C ALA B 446 35.16 48.76 -11.10
N LEU B 447 35.83 47.63 -11.37
CA LEU B 447 36.53 47.42 -12.65
C LEU B 447 35.51 47.33 -13.80
N MET B 448 34.29 46.81 -13.50
CA MET B 448 33.21 46.59 -14.53
C MET B 448 32.31 47.78 -14.82
N PHE B 449 31.97 48.55 -13.81
CA PHE B 449 31.04 49.67 -13.99
C PHE B 449 31.56 50.98 -14.65
N ASP B 450 32.86 51.17 -14.97
CA ASP B 450 33.26 52.45 -15.62
C ASP B 450 33.03 52.44 -17.13
N ARG B 451 32.81 53.63 -17.74
CA ARG B 451 32.53 53.71 -19.20
C ARG B 451 33.43 52.84 -20.12
N SER B 452 34.73 52.79 -19.85
CA SER B 452 35.65 52.07 -20.73
C SER B 452 35.52 50.55 -20.79
N PHE B 453 35.15 49.86 -19.67
CA PHE B 453 35.08 48.35 -19.66
C PHE B 453 34.05 47.68 -20.63
N VAL B 454 32.92 48.38 -20.94
CA VAL B 454 31.86 47.82 -21.87
C VAL B 454 32.30 47.64 -23.36
N GLY B 455 33.58 47.71 -23.65
CA GLY B 455 34.07 47.50 -25.03
C GLY B 455 35.49 46.86 -25.05
N LYS B 456 36.00 46.51 -23.84
CA LYS B 456 37.38 45.94 -23.70
C LYS B 456 37.62 44.65 -24.47
N GLN B 457 38.77 44.52 -25.12
CA GLN B 457 39.07 43.27 -25.88
C GLN B 457 40.13 42.42 -25.20
N PHE B 458 39.79 41.18 -24.87
CA PHE B 458 40.72 40.32 -24.15
C PHE B 458 41.25 39.20 -25.02
N SER B 459 42.51 38.78 -24.79
CA SER B 459 43.08 37.72 -25.61
C SER B 459 44.01 36.79 -24.87
N ALA B 460 44.09 35.50 -25.33
CA ALA B 460 45.06 34.53 -24.75
C ALA B 460 45.58 33.50 -25.81
N ASN B 461 45.26 33.76 -27.11
CA ASN B 461 45.68 32.90 -28.24
C ASN B 461 45.09 33.47 -29.60
N ASP B 462 44.45 32.62 -30.44
CA ASP B 462 43.84 33.10 -31.70
C ASP B 462 42.53 33.90 -31.49
N LYS B 463 41.56 33.37 -30.74
CA LYS B 463 40.29 34.08 -30.60
C LYS B 463 40.32 35.29 -29.65
N VAL B 464 39.80 36.42 -30.11
CA VAL B 464 39.71 37.57 -29.23
C VAL B 464 38.27 37.67 -28.61
N TYR B 465 38.19 38.01 -27.31
CA TYR B 465 36.89 38.14 -26.65
C TYR B 465 36.54 39.62 -26.39
N THR B 466 35.52 40.12 -27.03
CA THR B 466 35.11 41.53 -26.88
C THR B 466 34.00 41.69 -25.86
N VAL B 467 34.24 42.47 -24.80
CA VAL B 467 33.22 42.64 -23.74
C VAL B 467 32.00 43.36 -24.22
N GLU B 468 30.87 42.67 -24.24
CA GLU B 468 29.62 43.31 -24.68
C GLU B 468 28.82 43.84 -23.49
N LYS B 469 28.64 43.02 -22.47
CA LYS B 469 27.87 43.45 -21.31
C LYS B 469 28.58 43.08 -20.01
N ALA B 470 28.43 43.91 -18.97
CA ALA B 470 29.04 43.64 -17.70
C ALA B 470 28.17 44.10 -16.55
N ASP B 471 27.56 43.20 -15.79
CA ASP B 471 26.68 43.67 -14.71
C ASP B 471 26.52 42.77 -13.48
N ASN B 472 26.22 43.38 -12.36
CA ASN B 472 25.95 42.65 -11.15
C ASN B 472 24.42 42.24 -11.17
N PHE B 473 24.14 40.97 -11.43
CA PHE B 473 22.76 40.46 -11.64
C PHE B 473 21.60 40.87 -10.66
N GLU B 474 20.65 41.61 -11.17
CA GLU B 474 19.52 42.00 -10.37
C GLU B 474 18.23 41.36 -10.87
N TYR B 475 17.42 40.73 -10.01
CA TYR B 475 16.20 40.10 -10.51
C TYR B 475 14.89 40.70 -9.96
N HIS B 476 14.03 41.17 -10.84
CA HIS B 476 12.74 41.66 -10.40
C HIS B 476 11.71 40.59 -10.70
N ASP B 477 11.33 39.84 -9.67
CA ASP B 477 10.38 38.74 -9.82
C ASP B 477 8.97 39.16 -10.25
N PRO B 478 8.51 38.73 -11.43
CA PRO B 478 7.18 39.07 -11.96
C PRO B 478 5.99 38.55 -11.10
N VAL B 479 6.26 37.74 -10.04
CA VAL B 479 5.16 37.26 -9.18
C VAL B 479 5.15 38.00 -7.85
N ASP B 480 6.22 37.88 -7.03
CA ASP B 480 6.25 38.61 -5.74
C ASP B 480 6.56 40.10 -5.90
N GLY B 481 7.07 40.49 -7.10
CA GLY B 481 7.45 41.89 -7.36
C GLY B 481 8.83 42.17 -6.79
N SER B 482 9.20 41.39 -5.75
CA SER B 482 10.46 41.55 -5.06
C SER B 482 11.72 41.55 -5.93
N VAL B 483 12.63 42.47 -5.60
CA VAL B 483 13.86 42.58 -6.29
C VAL B 483 14.97 41.85 -5.51
N SER B 484 15.74 41.02 -6.23
CA SER B 484 16.84 40.28 -5.62
C SER B 484 18.14 40.87 -6.10
N LYS B 485 18.85 41.63 -5.23
CA LYS B 485 20.11 42.35 -5.67
C LYS B 485 21.38 41.51 -5.48
N ASN B 486 22.50 42.01 -6.03
CA ASN B 486 23.78 41.30 -5.96
C ASN B 486 23.74 40.12 -6.87
N GLN B 487 23.40 38.95 -6.37
CA GLN B 487 23.23 37.72 -7.27
C GLN B 487 24.38 37.23 -8.13
N GLY B 488 25.27 38.10 -8.69
CA GLY B 488 26.38 37.59 -9.48
C GLY B 488 26.96 38.59 -10.46
N LEU B 489 28.29 38.53 -10.66
CA LEU B 489 28.98 39.46 -11.56
C LEU B 489 29.19 38.90 -12.94
N ARG B 490 28.39 39.35 -13.96
CA ARG B 490 28.48 38.76 -15.34
C ARG B 490 29.23 39.58 -16.37
N LEU B 491 30.29 39.00 -16.89
CA LEU B 491 31.04 39.61 -17.94
C LEU B 491 30.59 38.97 -19.23
N ILE B 492 29.60 39.49 -19.88
CA ILE B 492 29.15 38.86 -21.12
C ILE B 492 29.99 39.31 -22.33
N PHE B 493 30.53 38.34 -23.09
CA PHE B 493 31.32 38.66 -24.27
C PHE B 493 30.46 38.66 -25.57
N ALA B 494 30.89 39.37 -26.63
CA ALA B 494 30.12 39.48 -27.87
C ALA B 494 29.74 38.16 -28.59
N ASP B 495 30.57 37.10 -28.43
CA ASP B 495 30.31 35.78 -29.11
C ASP B 495 29.37 34.81 -28.34
N GLY B 496 28.73 35.27 -27.29
CA GLY B 496 27.88 34.38 -26.52
C GLY B 496 28.64 33.78 -25.28
N SER B 497 29.98 33.93 -25.20
CA SER B 497 30.76 33.37 -24.03
C SER B 497 30.59 34.22 -22.79
N ARG B 498 30.51 33.59 -21.61
CA ARG B 498 30.37 34.35 -20.37
C ARG B 498 31.28 33.88 -19.22
N ILE B 499 31.72 34.82 -18.37
CA ILE B 499 32.46 34.47 -17.16
C ILE B 499 31.67 34.98 -15.95
N ILE B 500 31.36 34.11 -15.00
CA ILE B 500 30.53 34.51 -13.86
C ILE B 500 31.16 34.21 -12.53
N PHE B 501 31.14 35.19 -11.62
CA PHE B 501 31.69 35.02 -10.29
C PHE B 501 30.58 35.09 -9.21
N ARG B 502 30.54 34.15 -8.26
CA ARG B 502 29.58 34.28 -7.17
C ARG B 502 30.24 34.00 -5.80
N LEU B 503 30.00 34.84 -4.85
CA LEU B 503 30.49 34.60 -3.49
C LEU B 503 29.32 34.07 -2.59
N SER B 504 29.31 32.82 -2.25
CA SER B 504 28.17 32.30 -1.46
C SER B 504 28.32 32.50 0.03
N GLY B 505 29.43 33.09 0.47
CA GLY B 505 29.64 33.30 1.94
C GLY B 505 29.27 34.72 2.44
N THR B 506 27.99 35.06 2.49
CA THR B 506 27.59 36.39 2.97
C THR B 506 26.49 36.33 4.04
N GLY B 507 26.75 35.54 5.10
CA GLY B 507 25.77 35.36 6.20
C GLY B 507 26.39 34.72 7.47
N SER B 508 27.32 33.75 7.30
CA SER B 508 27.99 33.11 8.49
C SER B 508 29.28 32.32 8.07
N ALA B 509 30.25 32.13 9.02
CA ALA B 509 31.49 31.32 8.77
C ALA B 509 32.37 31.72 7.53
N GLY B 510 33.35 30.85 7.14
CA GLY B 510 34.27 31.18 5.99
C GLY B 510 33.58 31.25 4.61
N ALA B 511 34.09 32.09 3.71
CA ALA B 511 33.48 32.24 2.37
C ALA B 511 33.96 31.24 1.27
N THR B 512 33.07 30.97 0.33
CA THR B 512 33.39 30.10 -0.81
C THR B 512 33.30 30.94 -2.11
N ILE B 513 34.30 30.86 -3.03
CA ILE B 513 34.16 31.58 -4.34
C ILE B 513 33.79 30.61 -5.49
N ARG B 514 32.68 30.87 -6.23
CA ARG B 514 32.35 30.00 -7.34
C ARG B 514 32.54 30.72 -8.64
N LEU B 515 33.52 30.25 -9.44
CA LEU B 515 33.76 30.84 -10.75
C LEU B 515 33.20 29.93 -11.92
N TYR B 516 32.16 30.42 -12.58
CA TYR B 516 31.53 29.71 -13.65
C TYR B 516 31.99 30.21 -14.99
N ILE B 517 32.53 29.36 -15.84
CA ILE B 517 32.97 29.80 -17.17
C ILE B 517 32.15 29.12 -18.26
N ASP B 518 31.55 29.89 -19.16
CA ASP B 518 30.77 29.29 -20.25
C ASP B 518 31.22 29.82 -21.63
N SER B 519 31.51 28.92 -22.58
CA SER B 519 32.06 29.29 -23.88
C SER B 519 31.40 28.63 -25.07
N TYR B 520 30.93 29.42 -26.01
CA TYR B 520 30.23 28.87 -27.18
C TYR B 520 31.13 28.58 -28.44
N GLU B 521 31.09 27.35 -28.94
CA GLU B 521 31.85 26.98 -30.16
C GLU B 521 30.92 26.40 -31.27
N LYS B 522 30.93 26.95 -32.52
CA LYS B 522 29.99 26.48 -33.55
C LYS B 522 30.59 25.63 -34.69
N ASP B 523 31.88 25.56 -34.84
CA ASP B 523 32.39 24.70 -35.91
C ASP B 523 32.52 23.29 -35.45
N ASN B 524 32.15 22.37 -36.27
CA ASN B 524 32.16 20.95 -35.90
C ASN B 524 33.55 20.36 -35.49
N ALA B 525 34.65 20.86 -36.04
CA ALA B 525 35.98 20.30 -35.69
C ALA B 525 36.39 20.59 -34.26
N LYS B 526 36.00 21.80 -33.75
CA LYS B 526 36.34 22.21 -32.38
C LYS B 526 35.38 21.74 -31.29
N ILE B 527 34.13 21.28 -31.62
CA ILE B 527 33.22 20.78 -30.56
C ILE B 527 33.63 19.38 -30.06
N ASN B 528 34.49 18.69 -30.80
CA ASN B 528 34.94 17.36 -30.36
C ASN B 528 36.02 17.45 -29.22
N GLN B 529 36.66 18.60 -29.08
CA GLN B 529 37.75 18.78 -28.08
C GLN B 529 37.41 18.62 -26.54
N ASP B 530 38.47 18.60 -25.64
CA ASP B 530 38.24 18.50 -24.16
C ASP B 530 37.90 19.85 -23.54
N PRO B 531 36.83 19.96 -22.75
CA PRO B 531 36.42 21.22 -22.11
C PRO B 531 37.48 21.97 -21.33
N GLN B 532 38.32 21.26 -20.55
CA GLN B 532 39.34 22.00 -19.78
C GLN B 532 40.45 22.61 -20.68
N VAL B 533 40.72 21.96 -21.84
CA VAL B 533 41.64 22.53 -22.80
C VAL B 533 40.98 23.75 -23.51
N MET B 534 39.72 23.58 -23.92
CA MET B 534 39.00 24.62 -24.65
C MET B 534 38.74 25.85 -23.85
N LEU B 535 38.47 25.67 -22.56
CA LEU B 535 38.16 26.81 -21.71
C LEU B 535 39.39 27.45 -21.11
N ALA B 536 40.62 26.93 -21.47
CA ALA B 536 41.85 27.43 -20.89
C ALA B 536 42.07 28.95 -21.09
N PRO B 537 42.01 29.53 -22.33
CA PRO B 537 42.15 30.98 -22.53
C PRO B 537 41.14 31.76 -21.69
N LEU B 538 39.83 31.41 -21.77
CA LEU B 538 38.81 32.12 -20.94
C LEU B 538 39.07 31.99 -19.41
N ILE B 539 39.75 30.94 -18.96
CA ILE B 539 40.10 30.81 -17.54
C ILE B 539 41.21 31.79 -17.20
N SER B 540 42.28 31.90 -18.10
CA SER B 540 43.39 32.91 -17.90
C SER B 540 42.84 34.29 -17.86
N ILE B 541 41.84 34.56 -18.70
CA ILE B 541 41.17 35.87 -18.70
C ILE B 541 40.41 36.07 -17.36
N ALA B 542 39.76 34.97 -16.82
CA ALA B 542 38.97 35.04 -15.52
C ALA B 542 39.82 35.34 -14.29
N LEU B 543 40.93 34.63 -14.16
CA LEU B 543 41.86 34.86 -13.05
C LEU B 543 42.69 36.22 -13.27
N LYS B 544 42.87 36.67 -14.53
CA LYS B 544 43.52 37.92 -14.78
C LYS B 544 42.63 39.05 -14.26
N VAL B 545 41.42 39.26 -14.89
CA VAL B 545 40.47 40.36 -14.47
C VAL B 545 40.10 40.30 -12.97
N SER B 546 40.06 39.12 -12.38
CA SER B 546 39.71 39.01 -10.97
C SER B 546 40.87 39.30 -10.03
N GLN B 547 42.13 39.01 -10.46
CA GLN B 547 43.28 39.12 -9.59
C GLN B 547 43.04 38.21 -8.37
N LEU B 548 42.41 37.03 -8.67
CA LEU B 548 42.04 36.05 -7.63
C LEU B 548 43.23 35.55 -6.84
N GLN B 549 44.30 35.11 -7.55
CA GLN B 549 45.54 34.58 -6.90
C GLN B 549 46.01 35.48 -5.85
N GLU B 550 46.04 36.75 -6.24
CA GLU B 550 46.50 37.87 -5.39
C GLU B 550 45.68 38.11 -4.15
N ARG B 551 44.35 38.13 -4.28
CA ARG B 551 43.49 38.41 -3.10
C ARG B 551 43.17 37.21 -2.21
N THR B 552 43.17 35.99 -2.74
CA THR B 552 42.81 34.83 -1.90
C THR B 552 44.00 33.92 -1.53
N GLY B 553 45.12 34.09 -2.18
CA GLY B 553 46.25 33.21 -1.89
C GLY B 553 46.04 31.84 -2.55
N ARG B 554 45.05 31.74 -3.45
CA ARG B 554 44.75 30.48 -4.10
C ARG B 554 45.31 30.35 -5.56
N THR B 555 46.33 29.46 -5.76
CA THR B 555 46.93 29.21 -7.11
C THR B 555 46.18 28.18 -7.98
N ALA B 556 45.29 27.36 -7.33
CA ALA B 556 44.47 26.28 -8.00
C ALA B 556 43.13 26.13 -7.27
N PRO B 557 42.02 25.72 -7.94
CA PRO B 557 40.70 25.58 -7.31
C PRO B 557 40.55 24.31 -6.47
N THR B 558 39.54 24.28 -5.57
CA THR B 558 39.35 23.11 -4.69
C THR B 558 38.72 21.98 -5.47
N VAL B 559 37.62 22.34 -6.20
CA VAL B 559 36.87 21.39 -7.00
C VAL B 559 36.58 21.92 -8.40
N ILE B 560 36.74 21.11 -9.44
CA ILE B 560 36.48 21.58 -10.82
C ILE B 560 35.36 20.72 -11.44
N THR B 561 34.26 21.31 -11.84
CA THR B 561 33.15 20.51 -12.41
C THR B 561 32.97 20.76 -13.91
CO CO C . -14.21 -20.23 3.11
C1 VG1 D . -20.40 -25.61 3.54
C2 VG1 D . -20.74 -25.02 4.92
C3 VG1 D . -21.40 -23.62 4.74
C4 VG1 D . -20.42 -22.76 3.91
C5 VG1 D . -20.04 -23.44 2.59
C6 VG1 D . -19.14 -22.55 1.82
O1 VG1 D . -21.57 -25.62 2.69
O2 VG1 D . -21.70 -25.93 5.52
O3 VG1 D . -21.51 -23.01 6.05
O4 VG1 D . -20.88 -21.42 3.68
O5 VG1 D . -19.42 -24.75 2.96
O6 VG1 D . -17.90 -22.63 2.47
P VG1 D . -21.85 -26.89 1.95
OP1 VG1 D . -20.77 -27.89 2.23
OP2 VG1 D . -23.17 -27.40 2.40
OP3 VG1 D . -21.88 -26.61 0.48
V VG1 D . -16.30 -21.68 2.19
OV1 VG1 D . -15.86 -21.21 3.80
OV2 VG1 D . -15.74 -23.19 1.59
OV3 VG1 D . -17.22 -20.59 1.20
#